data_4Z4E
#
_entry.id   4Z4E
#
_cell.length_a   55.645
_cell.length_b   116.841
_cell.length_c   69.744
_cell.angle_alpha   90.00
_cell.angle_beta   92.43
_cell.angle_gamma   90.00
#
_symmetry.space_group_name_H-M   'P 1 21 1'
#
loop_
_entity.id
_entity.type
_entity.pdbx_description
1 polymer 'Protein argonaute-2'
2 polymer "RNA (5'-R(P*UP*UP*CP*AP*CP*AP*UP*UP*GP*CP*CP*CP*AP*AP*GP*UP*CP*UP*U)-3')"
3 polymer "RNA (5'-R(*CP*AP*AP*UP*GP*UP*GP*AP*U)-3')"
4 non-polymer 'MAGNESIUM ION'
5 non-polymer 'ISOPROPYL ALCOHOL'
6 non-polymer PHENOL
7 non-polymer 'PHOSPHATE ION'
8 water water
#
loop_
_entity_poly.entity_id
_entity_poly.type
_entity_poly.pdbx_seq_one_letter_code
_entity_poly.pdbx_strand_id
1 'polypeptide(L)'
;MYSGAGPALAPPAPPPPIQGYAFKPPPRPDFGTSGRTIKLQANFFEMDIPKIDIYHYELDIKPEKCPRRVNREIVEHMVQ
HFKTQIFGDRKPVFDGRKNLYTAMPLPIGRDKVELEVTLPGEGKDRIFKVSIKWVSCVSLQALHDALSGRLPSVPFETIQ
ALDVVMRHLPSMRYTPVGRSFFTASEGCSNPLGGGREVWFGFHQSVRPSLWKMMLNIDVSATAFYKAQPVIEFVCEVLDF
KSIEEQQKPLTDSQRVKFTKEIKGLKVEITHCGQMKRKYRVCNVTRRPASHQTFPLQQESGQTVECTVAQYFKDRHKLVL
RYPHLPCLQVGQEQKHTYLPLEVCNIVAGQRCIKKLTDNQTSTMIRATARSAPDRQEEISKLMRSADFNTDPYVREFGIM
VKDEMTDVTGRVLQPPSILYGGRNKAIATPVQGVWDMRNKQFHTGIEIKVWAIACFAPQRQCTEVHLKSFTEQLRKISRD
AGMPIQGQPCFCKYAQGADSVEPMFRHLKNTYAGLQLVVVILPGKTPVYAEVKRVGDTVLGMATQCVQMKNVQRTTPQTL
SNLCLKINVKLGGVNNILLPQGRPPVFQQPVIFLGADVTHPPAGDGKKPSIAAVVGSMDAHPNRYCATVRVQQHRQEIIQ
DLAAMVRELLIQFYKSTRFKPTRIIFYRDGVSEGQFQQVLHHELLAIREACIKLEKDYQPGITFIVVQKRHHTRLFCTDK
NERVGKSGNIPAGTTVDTKITHPTEFDFYLCSHAGIQGTSRPSHYHVLWDDNRFSSDELQILTYQLCHTYVRCTRSVSIP
APAYYAHLVAFRARYHLVDKEHDSAEGSHTSGQSNGRDHQALAKAVQVHQDTLRTMYFA
;
A
2 'polyribonucleotide' UUCACAUUGCCCAAGUCUCUU B
3 'polyribonucleotide' CAAUGUGAUAA D
#
loop_
_chem_comp.id
_chem_comp.type
_chem_comp.name
_chem_comp.formula
A RNA linking ADENOSINE-5'-MONOPHOSPHATE 'C10 H14 N5 O7 P'
C RNA linking CYTIDINE-5'-MONOPHOSPHATE 'C9 H14 N3 O8 P'
G RNA linking GUANOSINE-5'-MONOPHOSPHATE 'C10 H14 N5 O8 P'
IPA non-polymer 'ISOPROPYL ALCOHOL' 'C3 H8 O'
IPH non-polymer PHENOL 'C6 H6 O'
MG non-polymer 'MAGNESIUM ION' 'Mg 2'
PO4 non-polymer 'PHOSPHATE ION' 'O4 P -3'
U RNA linking URIDINE-5'-MONOPHOSPHATE 'C9 H13 N2 O9 P'
#
# COMPACT_ATOMS: atom_id res chain seq x y z
N ALA A 22 7.91 4.17 26.37
CA ALA A 22 7.46 2.80 26.53
C ALA A 22 7.80 1.95 25.31
N PHE A 23 7.81 0.63 25.46
CA PHE A 23 8.43 -0.26 24.47
C PHE A 23 7.68 -1.56 24.22
N LYS A 24 7.63 -2.43 25.24
CA LYS A 24 7.09 -3.78 25.07
C LYS A 24 5.57 -3.77 24.92
N PRO A 25 5.08 -4.32 23.80
CA PRO A 25 3.64 -4.43 23.56
C PRO A 25 3.02 -5.32 24.63
N PRO A 26 1.76 -5.04 24.99
CA PRO A 26 1.14 -5.80 26.06
C PRO A 26 0.80 -7.21 25.58
N PRO A 27 0.68 -8.15 26.52
CA PRO A 27 0.23 -9.50 26.15
C PRO A 27 -1.24 -9.48 25.77
N ARG A 28 -1.66 -10.44 24.95
CA ARG A 28 -3.09 -10.64 24.71
C ARG A 28 -3.78 -10.82 26.05
N PRO A 29 -4.81 -9.99 26.32
CA PRO A 29 -5.49 -10.03 27.62
C PRO A 29 -6.40 -11.24 27.78
N ASP A 30 -6.94 -11.73 26.67
CA ASP A 30 -7.92 -12.81 26.65
C ASP A 30 -8.25 -13.04 25.20
N PHE A 31 -9.17 -13.96 24.92
CA PHE A 31 -9.66 -14.15 23.55
C PHE A 31 -11.09 -13.68 23.42
N GLY A 32 -11.45 -13.17 22.23
CA GLY A 32 -12.78 -12.65 22.00
C GLY A 32 -13.83 -13.74 22.07
N THR A 33 -15.05 -13.35 22.47
CA THR A 33 -16.16 -14.31 22.61
C THR A 33 -17.41 -13.91 21.82
N SER A 34 -17.41 -12.69 21.32
CA SER A 34 -18.60 -12.12 20.69
C SER A 34 -18.77 -12.63 19.24
N GLY A 35 -20.03 -12.84 18.83
CA GLY A 35 -20.33 -13.17 17.45
C GLY A 35 -20.42 -14.66 17.11
N ARG A 36 -21.28 -14.99 16.15
CA ARG A 36 -21.42 -16.39 15.74
C ARG A 36 -20.13 -16.89 15.08
N THR A 37 -19.93 -18.21 15.11
CA THR A 37 -18.68 -18.75 14.55
C THR A 37 -18.76 -19.00 13.05
N ILE A 38 -17.60 -18.97 12.40
CA ILE A 38 -17.50 -19.24 10.97
C ILE A 38 -16.22 -20.05 10.73
N LYS A 39 -16.32 -21.09 9.93
CA LYS A 39 -15.17 -21.91 9.60
C LYS A 39 -14.41 -21.24 8.46
N LEU A 40 -13.10 -21.07 8.64
CA LEU A 40 -12.28 -20.37 7.65
C LEU A 40 -11.04 -21.18 7.29
N GLN A 41 -10.44 -20.82 6.17
CA GLN A 41 -9.13 -21.34 5.80
C GLN A 41 -8.24 -20.14 5.56
N ALA A 42 -7.01 -20.22 6.04
CA ALA A 42 -6.05 -19.12 5.85
C ALA A 42 -4.89 -19.60 4.99
N ASN A 43 -4.28 -18.69 4.24
CA ASN A 43 -3.13 -19.05 3.41
C ASN A 43 -1.85 -19.13 4.24
N PHE A 44 -1.95 -19.81 5.38
CA PHE A 44 -0.84 -20.12 6.25
C PHE A 44 -0.71 -21.63 6.22
N PHE A 45 0.51 -22.12 6.05
CA PHE A 45 0.73 -23.55 5.97
C PHE A 45 1.63 -24.02 7.11
N GLU A 46 1.11 -24.91 7.94
CA GLU A 46 1.82 -25.31 9.16
C GLU A 46 3.17 -25.96 8.88
N MET A 47 4.16 -25.56 9.67
CA MET A 47 5.51 -26.09 9.51
C MET A 47 5.87 -26.96 10.70
N ASP A 48 6.50 -28.10 10.40
CA ASP A 48 7.07 -28.95 11.42
C ASP A 48 8.57 -28.72 11.43
N ILE A 49 9.05 -28.18 12.55
CA ILE A 49 10.44 -27.77 12.70
C ILE A 49 11.08 -28.69 13.75
N PRO A 50 12.31 -29.18 13.49
CA PRO A 50 12.94 -30.08 14.48
C PRO A 50 13.43 -29.29 15.68
N LYS A 51 13.64 -29.95 16.81
CA LYS A 51 14.13 -29.29 18.01
C LYS A 51 15.64 -29.45 18.14
N ILE A 52 16.35 -28.93 17.14
CA ILE A 52 17.80 -29.12 17.06
C ILE A 52 18.52 -27.78 16.95
N ASP A 53 19.74 -27.71 17.48
CA ASP A 53 20.62 -26.60 17.21
C ASP A 53 20.99 -26.61 15.73
N ILE A 54 20.96 -25.45 15.11
CA ILE A 54 21.55 -25.31 13.79
C ILE A 54 22.68 -24.31 13.89
N TYR A 55 23.54 -24.30 12.89
CA TYR A 55 24.83 -23.66 13.03
C TYR A 55 24.93 -22.41 12.16
N HIS A 56 25.28 -21.28 12.78
CA HIS A 56 25.31 -20.00 12.09
C HIS A 56 26.75 -19.55 11.85
N TYR A 57 27.06 -19.24 10.60
CA TYR A 57 28.41 -18.83 10.22
C TYR A 57 28.37 -17.48 9.55
N GLU A 58 29.38 -16.66 9.80
CA GLU A 58 29.49 -15.38 9.11
C GLU A 58 30.38 -15.49 7.90
N LEU A 59 29.91 -14.96 6.78
CA LEU A 59 30.63 -15.01 5.52
C LEU A 59 31.07 -13.62 5.10
N ASP A 60 32.31 -13.50 4.67
CA ASP A 60 32.78 -12.25 4.06
C ASP A 60 33.32 -12.52 2.67
N ILE A 61 32.82 -11.77 1.69
CA ILE A 61 33.20 -11.94 0.31
C ILE A 61 33.90 -10.70 -0.23
N LYS A 62 35.15 -10.84 -0.65
CA LYS A 62 35.86 -9.73 -1.28
C LYS A 62 36.16 -10.03 -2.74
N PRO A 63 35.84 -9.07 -3.65
CA PRO A 63 35.26 -7.74 -3.38
C PRO A 63 33.80 -7.83 -2.94
N GLU A 64 33.34 -6.81 -2.21
CA GLU A 64 32.06 -6.90 -1.50
C GLU A 64 30.92 -6.08 -2.12
N LYS A 65 31.17 -5.46 -3.26
CA LYS A 65 30.14 -4.64 -3.89
C LYS A 65 29.21 -5.46 -4.80
N CYS A 66 29.38 -6.77 -4.81
CA CYS A 66 28.61 -7.62 -5.72
C CYS A 66 27.13 -7.70 -5.41
N PRO A 67 26.29 -7.74 -6.44
CA PRO A 67 24.86 -8.03 -6.29
C PRO A 67 24.64 -9.31 -5.49
N ARG A 68 23.60 -9.30 -4.66
CA ARG A 68 23.23 -10.44 -3.83
C ARG A 68 23.17 -11.75 -4.62
N ARG A 69 22.66 -11.68 -5.84
CA ARG A 69 22.56 -12.86 -6.68
C ARG A 69 23.94 -13.41 -7.04
N VAL A 70 24.90 -12.51 -7.27
CA VAL A 70 26.27 -12.93 -7.56
C VAL A 70 26.89 -13.63 -6.36
N ASN A 71 26.67 -13.08 -5.17
CA ASN A 71 27.13 -13.70 -3.92
C ASN A 71 26.60 -15.13 -3.74
N ARG A 72 25.33 -15.32 -4.04
CA ARG A 72 24.71 -16.66 -3.94
C ARG A 72 25.41 -17.65 -4.87
N GLU A 73 25.77 -17.19 -6.05
CA GLU A 73 26.49 -18.01 -7.02
C GLU A 73 27.87 -18.36 -6.50
N ILE A 74 28.58 -17.35 -6.02
CA ILE A 74 29.91 -17.49 -5.45
C ILE A 74 29.92 -18.54 -4.35
N VAL A 75 28.94 -18.46 -3.46
CA VAL A 75 28.83 -19.40 -2.36
C VAL A 75 28.45 -20.79 -2.86
N GLU A 76 27.60 -20.85 -3.88
CA GLU A 76 27.18 -22.13 -4.46
C GLU A 76 28.36 -22.92 -5.05
N HIS A 77 29.20 -22.22 -5.81
CA HIS A 77 30.40 -22.83 -6.38
C HIS A 77 31.39 -23.22 -5.29
N MET A 78 31.58 -22.29 -4.35
CA MET A 78 32.42 -22.53 -3.18
C MET A 78 32.00 -23.82 -2.47
N VAL A 79 30.69 -24.00 -2.33
CA VAL A 79 30.19 -25.18 -1.65
C VAL A 79 30.52 -26.45 -2.45
N GLN A 80 30.30 -26.43 -3.76
CA GLN A 80 30.63 -27.58 -4.60
C GLN A 80 32.14 -27.84 -4.66
N HIS A 81 32.90 -26.78 -4.84
CA HIS A 81 34.31 -26.89 -4.95
C HIS A 81 35.05 -27.37 -3.73
N PHE A 82 34.64 -26.96 -2.53
CA PHE A 82 35.38 -27.23 -1.32
C PHE A 82 34.71 -28.28 -0.50
N LYS A 83 33.94 -29.13 -1.16
CA LYS A 83 33.26 -30.16 -0.42
C LYS A 83 34.22 -31.05 0.35
N THR A 84 35.30 -31.53 -0.28
CA THR A 84 36.04 -32.63 0.37
C THR A 84 36.58 -32.15 1.71
N GLN A 85 37.19 -30.99 1.78
CA GLN A 85 37.51 -30.44 3.08
C GLN A 85 36.29 -30.05 3.91
N ILE A 86 35.28 -29.48 3.27
CA ILE A 86 34.11 -28.98 3.99
C ILE A 86 32.81 -29.11 3.22
N PHE A 87 31.71 -29.19 3.92
CA PHE A 87 30.41 -29.17 3.25
C PHE A 87 30.21 -30.49 2.60
N GLY A 88 30.95 -31.52 2.97
CA GLY A 88 30.81 -32.67 2.12
C GLY A 88 29.44 -33.31 2.08
N ASP A 89 28.89 -33.76 3.18
CA ASP A 89 27.51 -34.18 3.10
C ASP A 89 26.55 -32.99 3.18
N ARG A 90 26.96 -31.95 3.91
CA ARG A 90 26.03 -30.88 4.27
C ARG A 90 25.70 -29.86 3.18
N LYS A 91 24.44 -29.43 3.21
CA LYS A 91 23.88 -28.48 2.27
C LYS A 91 23.57 -27.16 2.97
N PRO A 92 24.52 -26.23 2.94
CA PRO A 92 24.31 -24.95 3.62
C PRO A 92 23.24 -24.09 2.96
N VAL A 93 22.61 -23.22 3.73
CA VAL A 93 21.76 -22.19 3.15
C VAL A 93 22.39 -20.83 3.44
N PHE A 94 22.09 -19.84 2.60
CA PHE A 94 22.83 -18.59 2.59
C PHE A 94 21.91 -17.43 2.22
N ASP A 95 22.07 -16.29 2.89
CA ASP A 95 21.14 -15.18 2.70
C ASP A 95 21.55 -14.20 1.60
N GLY A 96 22.68 -14.46 0.95
CA GLY A 96 23.12 -13.64 -0.16
C GLY A 96 24.01 -12.48 0.27
N ARG A 97 24.24 -12.38 1.58
CA ARG A 97 25.09 -11.32 2.13
C ARG A 97 26.22 -11.90 2.98
N LYS A 98 25.96 -12.09 4.27
CA LYS A 98 27.01 -12.54 5.19
C LYS A 98 26.59 -13.71 6.08
N ASN A 99 25.39 -14.24 5.89
CA ASN A 99 24.89 -15.28 6.78
C ASN A 99 24.67 -16.66 6.16
N LEU A 100 25.45 -17.63 6.65
CA LEU A 100 25.34 -19.01 6.21
C LEU A 100 24.92 -19.91 7.38
N TYR A 101 24.04 -20.87 7.10
CA TYR A 101 23.55 -21.79 8.12
C TYR A 101 23.69 -23.23 7.67
N THR A 102 24.05 -24.11 8.60
CA THR A 102 24.12 -25.53 8.30
C THR A 102 23.33 -26.35 9.33
N ALA A 103 22.87 -27.52 8.91
CA ALA A 103 22.12 -28.41 9.78
C ALA A 103 23.03 -29.18 10.75
N MET A 104 24.26 -29.43 10.32
CA MET A 104 25.28 -29.99 11.19
C MET A 104 26.51 -29.07 11.19
N PRO A 105 27.33 -29.12 12.25
CA PRO A 105 28.45 -28.18 12.32
C PRO A 105 29.50 -28.46 11.26
N LEU A 106 30.18 -27.41 10.80
CA LEU A 106 31.33 -27.55 9.90
C LEU A 106 32.56 -27.73 10.77
N PRO A 107 33.68 -28.22 10.20
CA PRO A 107 34.92 -28.35 10.99
C PRO A 107 35.65 -27.01 11.06
N ILE A 108 35.42 -26.28 12.15
CA ILE A 108 35.86 -24.89 12.31
C ILE A 108 36.01 -24.65 13.82
N GLY A 109 36.55 -23.51 14.21
CA GLY A 109 36.40 -23.04 15.57
C GLY A 109 35.67 -21.72 15.47
N ARG A 110 36.02 -20.75 16.32
CA ARG A 110 35.71 -19.36 16.02
C ARG A 110 36.83 -18.90 15.09
N ASP A 111 37.69 -19.85 14.73
CA ASP A 111 38.75 -19.68 13.77
C ASP A 111 38.21 -19.55 12.36
N LYS A 112 38.37 -18.35 11.80
CA LYS A 112 38.08 -18.09 10.41
C LYS A 112 38.89 -19.03 9.51
N VAL A 113 38.32 -19.36 8.36
CA VAL A 113 39.02 -20.08 7.32
C VAL A 113 38.84 -19.30 6.02
N GLU A 114 39.95 -18.98 5.35
CA GLU A 114 39.86 -18.19 4.12
C GLU A 114 39.92 -19.07 2.88
N LEU A 115 38.97 -18.87 1.98
CA LEU A 115 38.90 -19.66 0.78
C LEU A 115 39.07 -18.76 -0.44
N GLU A 116 39.53 -19.35 -1.53
CA GLU A 116 39.58 -18.66 -2.80
C GLU A 116 38.55 -19.32 -3.69
N VAL A 117 37.77 -18.51 -4.38
CA VAL A 117 36.75 -19.01 -5.27
C VAL A 117 36.93 -18.36 -6.62
N THR A 118 36.92 -19.17 -7.66
CA THR A 118 36.93 -18.64 -9.02
C THR A 118 35.53 -18.85 -9.59
N LEU A 119 34.96 -17.79 -10.15
CA LEU A 119 33.63 -17.83 -10.74
C LEU A 119 33.79 -17.68 -12.25
N PRO A 120 33.14 -18.55 -13.03
CA PRO A 120 33.22 -18.42 -14.49
C PRO A 120 32.46 -17.19 -14.95
N ARG A 126 36.36 -14.57 -12.59
CA ARG A 126 36.66 -13.72 -11.45
C ARG A 126 36.93 -14.53 -10.19
N ILE A 127 37.95 -14.11 -9.45
CA ILE A 127 38.32 -14.80 -8.21
C ILE A 127 37.88 -14.01 -6.98
N PHE A 128 37.44 -14.74 -5.95
CA PHE A 128 36.98 -14.10 -4.74
C PHE A 128 37.68 -14.64 -3.50
N LYS A 129 37.83 -13.78 -2.50
CA LYS A 129 38.29 -14.21 -1.20
C LYS A 129 37.08 -14.35 -0.30
N VAL A 130 36.84 -15.56 0.20
CA VAL A 130 35.71 -15.79 1.08
C VAL A 130 36.18 -16.34 2.43
N SER A 131 35.72 -15.70 3.49
CA SER A 131 36.08 -16.12 4.85
C SER A 131 34.84 -16.68 5.55
N ILE A 132 35.01 -17.83 6.20
CA ILE A 132 33.93 -18.44 6.96
C ILE A 132 34.30 -18.49 8.44
N LYS A 133 33.44 -17.93 9.26
CA LYS A 133 33.72 -17.79 10.68
C LYS A 133 32.47 -18.19 11.44
N TRP A 134 32.64 -19.13 12.37
CA TRP A 134 31.55 -19.50 13.26
C TRP A 134 31.12 -18.31 14.09
N VAL A 135 29.82 -18.14 14.29
CA VAL A 135 29.34 -17.08 15.16
C VAL A 135 28.45 -17.57 16.30
N SER A 136 27.46 -18.41 15.99
CA SER A 136 26.52 -18.85 17.01
C SER A 136 25.80 -20.16 16.69
N CYS A 137 25.15 -20.70 17.72
CA CYS A 137 24.20 -21.79 17.58
C CYS A 137 22.79 -21.22 17.69
N VAL A 138 21.91 -21.60 16.78
CA VAL A 138 20.50 -21.26 16.90
C VAL A 138 19.77 -22.48 17.40
N SER A 139 19.08 -22.34 18.54
CA SER A 139 18.30 -23.46 19.05
C SER A 139 16.85 -23.36 18.57
N LEU A 140 16.43 -24.38 17.82
CA LEU A 140 15.06 -24.44 17.37
C LEU A 140 14.19 -24.90 18.53
N GLN A 141 14.83 -25.46 19.54
CA GLN A 141 14.15 -25.82 20.78
C GLN A 141 13.62 -24.56 21.44
N ALA A 142 14.45 -23.51 21.46
CA ALA A 142 14.06 -22.24 22.05
C ALA A 142 12.88 -21.63 21.32
N LEU A 143 12.88 -21.77 19.99
CA LEU A 143 11.77 -21.28 19.19
C LEU A 143 10.47 -21.97 19.59
N HIS A 144 10.52 -23.28 19.76
CA HIS A 144 9.38 -24.05 20.25
C HIS A 144 8.86 -23.48 21.58
N ASP A 145 9.76 -23.28 22.53
CA ASP A 145 9.41 -22.74 23.83
C ASP A 145 8.75 -21.36 23.71
N ALA A 146 9.31 -20.52 22.84
CA ALA A 146 8.79 -19.18 22.62
C ALA A 146 7.41 -19.20 21.96
N LEU A 147 7.19 -20.18 21.07
CA LEU A 147 5.87 -20.37 20.46
C LEU A 147 4.88 -20.80 21.53
N SER A 148 5.36 -21.66 22.43
CA SER A 148 4.59 -22.05 23.60
C SER A 148 4.54 -20.86 24.55
N GLY A 149 4.03 -21.07 25.76
CA GLY A 149 3.99 -19.99 26.72
C GLY A 149 5.37 -19.66 27.27
N ARG A 150 6.18 -20.70 27.42
CA ARG A 150 7.45 -20.71 28.19
C ARG A 150 8.35 -19.46 28.14
N LEU A 151 8.81 -19.08 26.95
CA LEU A 151 9.70 -17.93 26.81
C LEU A 151 8.90 -16.66 26.53
N PRO A 152 9.31 -15.52 27.13
CA PRO A 152 8.49 -14.32 27.05
C PRO A 152 8.50 -13.70 25.65
N SER A 153 9.54 -14.00 24.87
CA SER A 153 9.72 -13.32 23.60
C SER A 153 10.03 -14.28 22.45
N VAL A 154 9.75 -13.84 21.23
CA VAL A 154 10.09 -14.61 20.05
C VAL A 154 11.48 -14.21 19.56
N PRO A 155 12.40 -15.18 19.49
CA PRO A 155 13.77 -14.88 19.06
C PRO A 155 13.84 -14.64 17.55
N PHE A 156 13.94 -13.37 17.16
CA PHE A 156 14.00 -12.96 15.75
C PHE A 156 15.02 -13.74 14.94
N GLU A 157 16.23 -13.85 15.47
CA GLU A 157 17.35 -14.45 14.75
C GLU A 157 17.06 -15.88 14.32
N THR A 158 16.32 -16.60 15.16
CA THR A 158 15.90 -17.96 14.86
C THR A 158 14.90 -17.98 13.70
N ILE A 159 13.95 -17.05 13.74
CA ILE A 159 12.97 -16.90 12.67
C ILE A 159 13.69 -16.52 11.38
N GLN A 160 14.69 -15.64 11.50
CA GLN A 160 15.46 -15.22 10.35
C GLN A 160 16.17 -16.39 9.70
N ALA A 161 16.72 -17.28 10.52
CA ALA A 161 17.41 -18.46 10.02
C ALA A 161 16.48 -19.34 9.22
N LEU A 162 15.27 -19.57 9.75
CA LEU A 162 14.27 -20.36 9.05
C LEU A 162 13.89 -19.72 7.73
N ASP A 163 13.77 -18.40 7.74
CA ASP A 163 13.49 -17.65 6.51
C ASP A 163 14.57 -17.90 5.46
N VAL A 164 15.83 -17.88 5.88
CA VAL A 164 16.93 -18.13 4.95
C VAL A 164 16.89 -19.55 4.39
N VAL A 165 16.49 -20.52 5.22
CA VAL A 165 16.34 -21.90 4.76
C VAL A 165 15.27 -21.99 3.67
N MET A 166 14.10 -21.42 3.95
CA MET A 166 12.99 -21.46 3.00
C MET A 166 13.24 -20.67 1.71
N ARG A 167 14.09 -19.64 1.78
CA ARG A 167 14.33 -18.80 0.62
C ARG A 167 15.51 -19.23 -0.24
N HIS A 168 16.33 -20.14 0.29
CA HIS A 168 17.59 -20.46 -0.35
C HIS A 168 17.48 -20.86 -1.83
N LEU A 169 16.74 -21.93 -2.10
CA LEU A 169 16.59 -22.41 -3.46
C LEU A 169 15.79 -21.47 -4.39
N PRO A 170 14.60 -20.99 -3.95
CA PRO A 170 13.85 -20.11 -4.85
C PRO A 170 14.59 -18.82 -5.17
N SER A 171 15.48 -18.36 -4.27
CA SER A 171 16.24 -17.14 -4.50
C SER A 171 17.16 -17.25 -5.71
N MET A 172 17.57 -18.47 -6.03
CA MET A 172 18.44 -18.71 -7.17
C MET A 172 17.68 -19.26 -8.38
N ARG A 173 16.65 -20.06 -8.11
CA ARG A 173 15.84 -20.65 -9.17
C ARG A 173 14.92 -19.61 -9.81
N TYR A 174 14.45 -18.66 -8.99
CA TYR A 174 13.52 -17.63 -9.46
C TYR A 174 14.10 -16.24 -9.29
N THR A 175 13.34 -15.24 -9.71
CA THR A 175 13.73 -13.85 -9.54
C THR A 175 13.06 -13.31 -8.29
N PRO A 176 13.86 -13.05 -7.23
CA PRO A 176 13.29 -12.49 -6.01
C PRO A 176 12.86 -11.04 -6.21
N VAL A 177 11.67 -10.71 -5.74
CA VAL A 177 11.20 -9.32 -5.68
C VAL A 177 10.55 -9.11 -4.34
N GLY A 178 11.21 -8.38 -3.45
CA GLY A 178 10.70 -8.21 -2.10
C GLY A 178 10.78 -9.55 -1.41
N ARG A 179 9.66 -9.94 -0.78
CA ARG A 179 9.57 -11.26 -0.16
C ARG A 179 8.89 -12.24 -1.11
N SER A 180 8.80 -11.85 -2.38
CA SER A 180 8.22 -12.69 -3.40
C SER A 180 9.23 -13.31 -4.37
N PHE A 181 8.74 -14.22 -5.20
CA PHE A 181 9.54 -14.86 -6.23
C PHE A 181 8.72 -14.90 -7.50
N PHE A 182 9.35 -14.57 -8.61
CA PHE A 182 8.65 -14.52 -9.89
C PHE A 182 9.39 -15.33 -10.94
N THR A 183 8.65 -15.85 -11.91
CA THR A 183 9.25 -16.59 -13.01
C THR A 183 8.37 -16.44 -14.23
N ALA A 184 8.97 -16.64 -15.41
CA ALA A 184 8.16 -16.64 -16.62
C ALA A 184 7.29 -17.89 -16.59
N SER A 185 6.05 -17.75 -17.03
CA SER A 185 5.10 -18.85 -16.96
C SER A 185 5.31 -19.83 -18.10
N GLU A 186 5.38 -21.12 -17.77
CA GLU A 186 5.61 -22.16 -18.76
C GLU A 186 4.38 -22.37 -19.62
N GLY A 187 4.57 -22.37 -20.94
CA GLY A 187 3.50 -22.73 -21.87
C GLY A 187 2.45 -21.66 -22.10
N CYS A 188 2.65 -20.49 -21.49
CA CYS A 188 1.77 -19.37 -21.77
C CYS A 188 2.55 -18.07 -21.83
N SER A 189 1.97 -17.08 -22.49
CA SER A 189 2.54 -15.75 -22.50
C SER A 189 1.42 -14.77 -22.19
N ASN A 190 1.75 -13.73 -21.44
CA ASN A 190 0.81 -12.67 -21.13
C ASN A 190 1.45 -11.34 -21.50
N PRO A 191 1.55 -11.06 -22.82
CA PRO A 191 2.17 -9.82 -23.28
C PRO A 191 1.37 -8.62 -22.82
N LEU A 192 2.06 -7.52 -22.53
CA LEU A 192 1.41 -6.28 -22.13
C LEU A 192 1.56 -5.26 -23.24
N GLY A 193 2.39 -5.59 -24.21
CA GLY A 193 2.79 -4.64 -25.24
C GLY A 193 3.89 -3.76 -24.69
N GLY A 194 4.59 -3.07 -25.57
CA GLY A 194 5.66 -2.18 -25.15
C GLY A 194 6.89 -2.92 -24.64
N GLY A 195 7.03 -4.18 -25.03
CA GLY A 195 8.18 -4.98 -24.62
C GLY A 195 8.01 -5.59 -23.23
N ARG A 196 6.82 -5.40 -22.66
CA ARG A 196 6.56 -5.86 -21.30
C ARG A 196 5.64 -7.07 -21.28
N GLU A 197 5.68 -7.83 -20.20
CA GLU A 197 4.80 -8.98 -20.05
C GLU A 197 4.57 -9.27 -18.58
N VAL A 198 3.51 -10.03 -18.31
CA VAL A 198 3.15 -10.37 -16.94
C VAL A 198 3.90 -11.62 -16.50
N TRP A 199 4.56 -11.56 -15.35
CA TRP A 199 5.09 -12.75 -14.72
C TRP A 199 4.30 -13.04 -13.48
N PHE A 200 3.97 -14.30 -13.27
CA PHE A 200 3.28 -14.70 -12.06
C PHE A 200 4.29 -15.19 -11.04
N GLY A 201 3.91 -15.08 -9.78
CA GLY A 201 4.81 -15.51 -8.73
C GLY A 201 4.10 -15.70 -7.41
N PHE A 202 4.87 -15.79 -6.34
CA PHE A 202 4.30 -15.99 -5.03
C PHE A 202 5.05 -15.22 -3.96
N HIS A 203 4.32 -14.74 -2.97
CA HIS A 203 4.93 -14.24 -1.74
C HIS A 203 5.21 -15.42 -0.83
N GLN A 204 6.30 -15.35 -0.08
CA GLN A 204 6.63 -16.36 0.91
C GLN A 204 7.21 -15.72 2.15
N SER A 205 6.71 -16.10 3.32
CA SER A 205 7.28 -15.63 4.57
C SER A 205 7.03 -16.65 5.67
N VAL A 206 7.92 -16.64 6.67
CA VAL A 206 7.85 -17.56 7.80
C VAL A 206 7.37 -16.75 9.00
N ARG A 207 6.32 -17.23 9.66
CA ARG A 207 5.69 -16.47 10.74
C ARG A 207 5.46 -17.34 11.96
N PRO A 208 5.71 -16.80 13.16
CA PRO A 208 5.31 -17.52 14.37
C PRO A 208 3.81 -17.33 14.57
N SER A 209 3.18 -18.24 15.30
CA SER A 209 1.76 -18.10 15.58
C SER A 209 1.44 -18.77 16.91
N LEU A 210 0.19 -18.67 17.32
CA LEU A 210 -0.30 -19.30 18.54
C LEU A 210 -0.19 -20.82 18.46
N TRP A 211 -0.15 -21.34 17.25
CA TRP A 211 -0.20 -22.78 17.02
C TRP A 211 1.18 -23.36 16.70
N LYS A 212 1.66 -23.14 15.49
CA LYS A 212 2.98 -23.61 15.07
C LYS A 212 3.66 -22.49 14.29
N MET A 213 4.87 -22.76 13.79
CA MET A 213 5.45 -21.89 12.78
C MET A 213 4.60 -22.04 11.53
N MET A 214 4.41 -20.95 10.80
CA MET A 214 3.55 -20.95 9.62
C MET A 214 4.31 -20.46 8.41
N LEU A 215 4.08 -21.10 7.27
CA LEU A 215 4.56 -20.58 6.00
C LEU A 215 3.41 -19.86 5.34
N ASN A 216 3.55 -18.54 5.22
CA ASN A 216 2.53 -17.70 4.59
C ASN A 216 2.83 -17.62 3.11
N ILE A 217 1.89 -18.09 2.29
CA ILE A 217 2.04 -18.12 0.84
C ILE A 217 0.86 -17.43 0.16
N ASP A 218 1.14 -16.54 -0.78
CA ASP A 218 0.09 -15.93 -1.57
C ASP A 218 0.59 -15.86 -3.00
N VAL A 219 -0.31 -15.75 -3.97
CA VAL A 219 0.12 -15.61 -5.35
C VAL A 219 0.17 -14.14 -5.68
N SER A 220 0.95 -13.79 -6.70
CA SER A 220 0.99 -12.42 -7.16
C SER A 220 1.43 -12.40 -8.62
N ALA A 221 1.41 -11.22 -9.20
CA ALA A 221 1.85 -11.05 -10.56
C ALA A 221 2.41 -9.65 -10.67
N THR A 222 3.35 -9.45 -11.59
CA THR A 222 3.94 -8.14 -11.77
C THR A 222 4.56 -8.08 -13.17
N ALA A 223 4.88 -6.88 -13.62
CA ALA A 223 5.37 -6.71 -14.98
C ALA A 223 6.89 -6.88 -15.10
N PHE A 224 7.30 -7.63 -16.11
CA PHE A 224 8.72 -7.81 -16.45
C PHE A 224 8.94 -7.45 -17.92
N TYR A 225 10.19 -7.16 -18.27
CA TYR A 225 10.53 -6.96 -19.66
C TYR A 225 10.76 -8.29 -20.35
N LYS A 226 10.17 -8.46 -21.53
CA LYS A 226 10.39 -9.66 -22.32
C LYS A 226 11.87 -9.78 -22.68
N ALA A 227 12.41 -10.98 -22.49
CA ALA A 227 13.75 -11.29 -22.97
C ALA A 227 13.65 -11.56 -24.46
N GLN A 228 13.74 -10.49 -25.25
CA GLN A 228 13.59 -10.59 -26.68
C GLN A 228 14.69 -9.80 -27.37
N PRO A 229 14.92 -10.06 -28.68
CA PRO A 229 15.87 -9.22 -29.43
C PRO A 229 15.51 -7.74 -29.31
N VAL A 230 16.53 -6.88 -29.22
CA VAL A 230 16.30 -5.44 -29.08
C VAL A 230 15.49 -4.92 -30.26
N ILE A 231 15.75 -5.49 -31.43
CA ILE A 231 15.01 -5.18 -32.65
C ILE A 231 13.51 -5.40 -32.46
N GLU A 232 13.15 -6.54 -31.85
CA GLU A 232 11.75 -6.82 -31.55
C GLU A 232 11.25 -5.80 -30.53
N PHE A 233 12.06 -5.52 -29.53
CA PHE A 233 11.74 -4.52 -28.51
C PHE A 233 11.44 -3.16 -29.14
N VAL A 234 12.26 -2.76 -30.10
CA VAL A 234 12.05 -1.51 -30.83
C VAL A 234 10.68 -1.52 -31.52
N CYS A 235 10.37 -2.62 -32.20
CA CYS A 235 9.09 -2.76 -32.88
C CYS A 235 7.89 -2.59 -31.93
N GLU A 236 7.96 -3.20 -30.75
CA GLU A 236 6.86 -3.09 -29.79
C GLU A 236 6.70 -1.67 -29.24
N VAL A 237 7.82 -1.00 -28.98
CA VAL A 237 7.80 0.36 -28.43
C VAL A 237 7.32 1.38 -29.48
N LEU A 238 7.69 1.16 -30.73
CA LEU A 238 7.42 2.12 -31.79
C LEU A 238 6.21 1.73 -32.65
N ASP A 239 5.55 0.64 -32.28
CA ASP A 239 4.36 0.18 -32.98
C ASP A 239 4.65 -0.23 -34.42
N PHE A 240 5.78 -0.89 -34.64
CA PHE A 240 6.09 -1.49 -35.93
C PHE A 240 5.63 -2.94 -35.92
N LYS A 241 4.87 -3.33 -36.93
CA LYS A 241 4.46 -4.72 -37.09
C LYS A 241 5.71 -5.54 -37.35
N SER A 242 6.55 -5.06 -38.26
CA SER A 242 7.86 -5.61 -38.49
C SER A 242 8.82 -4.44 -38.67
N ILE A 243 10.11 -4.71 -38.66
CA ILE A 243 11.09 -3.64 -38.63
C ILE A 243 11.35 -2.96 -39.99
N GLU A 244 11.08 -3.68 -41.07
CA GLU A 244 11.38 -3.20 -42.42
C GLU A 244 10.68 -1.88 -42.75
N GLU A 245 9.66 -1.56 -41.98
CA GLU A 245 8.99 -0.27 -42.11
C GLU A 245 9.33 0.63 -40.95
N GLN A 246 9.91 1.80 -41.23
CA GLN A 246 10.39 2.11 -42.58
C GLN A 246 11.86 1.73 -42.60
N GLN A 247 12.50 1.81 -43.76
CA GLN A 247 13.92 1.50 -43.85
C GLN A 247 14.77 2.76 -43.68
N LYS A 248 14.14 3.83 -43.21
CA LYS A 248 14.84 5.06 -42.86
C LYS A 248 15.32 4.98 -41.42
N PRO A 249 16.35 5.78 -41.07
CA PRO A 249 16.68 5.97 -39.65
C PRO A 249 15.50 6.62 -38.94
N LEU A 250 15.50 6.52 -37.62
CA LEU A 250 14.41 6.98 -36.82
C LEU A 250 14.26 8.49 -36.73
N THR A 251 13.00 8.87 -36.65
CA THR A 251 12.52 10.19 -36.28
C THR A 251 13.12 10.44 -34.92
N ASP A 252 13.52 11.67 -34.63
CA ASP A 252 14.14 11.95 -33.34
C ASP A 252 13.14 11.56 -32.30
N SER A 253 11.89 11.88 -32.57
CA SER A 253 10.84 11.55 -31.64
C SER A 253 10.74 10.01 -31.44
N GLN A 254 10.88 9.25 -32.52
CA GLN A 254 10.95 7.81 -32.43
C GLN A 254 12.19 7.38 -31.67
N ARG A 255 13.28 8.04 -31.97
CA ARG A 255 14.54 7.72 -31.30
C ARG A 255 14.46 8.10 -29.82
N VAL A 256 13.86 9.24 -29.53
CA VAL A 256 13.69 9.66 -28.14
C VAL A 256 12.77 8.71 -27.38
N LYS A 257 11.62 8.38 -27.97
CA LYS A 257 10.68 7.47 -27.32
C LYS A 257 11.32 6.11 -27.02
N PHE A 258 12.02 5.55 -27.99
CA PHE A 258 12.74 4.29 -27.80
C PHE A 258 13.81 4.44 -26.72
N THR A 259 14.51 5.56 -26.74
CA THR A 259 15.56 5.84 -25.77
C THR A 259 15.03 5.86 -24.34
N LYS A 260 13.88 6.47 -24.14
CA LYS A 260 13.24 6.52 -22.82
C LYS A 260 12.97 5.12 -22.30
N GLU A 261 12.56 4.24 -23.20
CA GLU A 261 12.13 2.90 -22.82
C GLU A 261 13.31 1.97 -22.51
N ILE A 262 14.39 2.08 -23.28
CA ILE A 262 15.49 1.13 -23.13
C ILE A 262 16.59 1.57 -22.16
N LYS A 263 16.69 2.87 -21.90
CA LYS A 263 17.74 3.39 -21.04
C LYS A 263 17.63 2.78 -19.63
N GLY A 264 18.75 2.25 -19.13
CA GLY A 264 18.78 1.66 -17.81
C GLY A 264 18.53 0.16 -17.83
N LEU A 265 18.04 -0.37 -18.94
CA LEU A 265 17.80 -1.80 -19.06
C LEU A 265 19.11 -2.51 -19.37
N LYS A 266 19.21 -3.77 -18.95
CA LYS A 266 20.40 -4.55 -19.27
C LYS A 266 20.19 -5.35 -20.54
N VAL A 267 21.24 -5.43 -21.36
CA VAL A 267 21.21 -6.23 -22.58
C VAL A 267 22.37 -7.20 -22.58
N GLU A 268 22.30 -8.22 -23.44
CA GLU A 268 23.38 -9.20 -23.54
C GLU A 268 23.69 -9.51 -25.01
N ILE A 269 24.93 -9.91 -25.27
CA ILE A 269 25.39 -10.15 -26.63
C ILE A 269 25.29 -11.62 -27.03
N LYS A 278 26.83 -9.09 -20.34
CA LYS A 278 25.72 -8.25 -19.91
C LYS A 278 26.16 -6.80 -19.76
N TYR A 279 25.33 -5.89 -20.25
CA TYR A 279 25.62 -4.46 -20.17
C TYR A 279 24.37 -3.68 -19.86
N ARG A 280 24.50 -2.60 -19.10
CA ARG A 280 23.37 -1.72 -18.92
C ARG A 280 23.41 -0.59 -19.95
N VAL A 281 22.28 -0.35 -20.59
CA VAL A 281 22.17 0.71 -21.58
C VAL A 281 22.12 2.06 -20.87
N CYS A 282 22.98 2.98 -21.29
CA CYS A 282 23.04 4.31 -20.69
C CYS A 282 22.56 5.37 -21.68
N ASN A 283 22.60 5.03 -22.96
CA ASN A 283 22.14 5.93 -24.01
C ASN A 283 21.94 5.24 -25.36
N VAL A 284 21.27 5.93 -26.26
CA VAL A 284 21.10 5.50 -27.65
C VAL A 284 21.71 6.57 -28.55
N THR A 285 22.53 6.16 -29.51
CA THR A 285 23.23 7.12 -30.37
C THR A 285 22.27 7.89 -31.26
N ARG A 286 22.68 9.09 -31.68
CA ARG A 286 21.89 9.85 -32.64
C ARG A 286 22.18 9.34 -34.04
N ARG A 287 23.44 9.01 -34.31
CA ARG A 287 23.84 8.51 -35.61
C ARG A 287 23.51 7.04 -35.76
N PRO A 288 23.17 6.59 -36.99
CA PRO A 288 23.04 5.14 -37.20
C PRO A 288 24.38 4.43 -37.06
N ALA A 289 24.36 3.13 -36.85
CA ALA A 289 25.58 2.32 -36.74
C ALA A 289 26.51 2.54 -37.94
N SER A 290 25.93 2.81 -39.10
CA SER A 290 26.71 3.13 -40.29
C SER A 290 27.47 4.45 -40.14
N HIS A 291 26.77 5.51 -39.73
CA HIS A 291 27.38 6.83 -39.55
C HIS A 291 28.25 6.89 -38.28
N GLN A 292 27.79 6.26 -37.21
CA GLN A 292 28.39 6.41 -35.88
C GLN A 292 29.81 5.88 -35.75
N THR A 293 30.71 6.75 -35.33
CA THR A 293 32.13 6.41 -35.17
C THR A 293 32.59 6.53 -33.72
N PHE A 294 33.80 6.06 -33.46
CA PHE A 294 34.41 6.21 -32.14
C PHE A 294 35.93 6.25 -32.23
N PRO A 295 36.59 6.93 -31.27
CA PRO A 295 38.06 6.93 -31.25
C PRO A 295 38.63 5.55 -30.94
N LEU A 296 39.45 5.03 -31.85
CA LEU A 296 40.06 3.71 -31.67
C LEU A 296 41.50 3.65 -32.19
N CYS A 306 36.70 4.54 -35.72
CA CYS A 306 36.01 4.23 -36.98
C CYS A 306 34.56 3.95 -36.74
N THR A 307 33.83 3.56 -37.79
CA THR A 307 32.42 3.29 -37.63
C THR A 307 32.09 1.99 -36.88
N VAL A 308 30.91 1.98 -36.29
CA VAL A 308 30.43 0.82 -35.59
C VAL A 308 30.23 -0.26 -36.64
N ALA A 309 29.36 0.01 -37.60
CA ALA A 309 29.05 -0.97 -38.63
C ALA A 309 30.32 -1.57 -39.22
N GLN A 310 31.28 -0.72 -39.58
CA GLN A 310 32.55 -1.18 -40.17
C GLN A 310 33.41 -2.00 -39.20
N TYR A 311 33.36 -1.65 -37.92
CA TYR A 311 34.13 -2.37 -36.91
C TYR A 311 33.60 -3.79 -36.80
N PHE A 312 32.28 -3.93 -36.87
CA PHE A 312 31.66 -5.24 -36.77
C PHE A 312 31.83 -6.05 -38.06
N LYS A 313 31.99 -5.36 -39.19
CA LYS A 313 32.35 -6.03 -40.45
C LYS A 313 33.74 -6.61 -40.32
N ASP A 314 34.65 -5.78 -39.81
CA ASP A 314 36.08 -6.09 -39.78
C ASP A 314 36.50 -7.09 -38.70
N ARG A 315 36.31 -6.69 -37.45
CA ARG A 315 36.81 -7.45 -36.30
C ARG A 315 36.06 -8.76 -36.08
N HIS A 316 34.73 -8.70 -36.10
CA HIS A 316 33.92 -9.87 -35.78
C HIS A 316 33.31 -10.56 -37.01
N LYS A 317 33.71 -10.10 -38.20
CA LYS A 317 33.24 -10.68 -39.46
C LYS A 317 31.72 -10.76 -39.57
N LEU A 318 31.06 -9.72 -39.09
CA LEU A 318 29.62 -9.62 -39.16
C LEU A 318 29.20 -8.36 -39.86
N VAL A 319 28.23 -8.49 -40.76
CA VAL A 319 27.66 -7.39 -41.55
C VAL A 319 26.24 -7.15 -41.06
N LEU A 320 25.90 -5.91 -40.74
CA LEU A 320 24.58 -5.60 -40.21
C LEU A 320 23.40 -5.68 -41.16
N ARG A 321 22.33 -6.31 -40.70
CA ARG A 321 21.09 -6.34 -41.46
C ARG A 321 20.53 -4.94 -41.52
N TYR A 322 20.66 -4.19 -40.43
CA TYR A 322 19.99 -2.90 -40.35
C TYR A 322 20.90 -1.78 -39.92
N PRO A 323 21.83 -1.39 -40.91
CA PRO A 323 22.78 -0.39 -40.44
C PRO A 323 22.21 1.01 -40.30
N HIS A 324 20.99 1.22 -40.78
CA HIS A 324 20.23 2.45 -40.59
C HIS A 324 19.81 2.81 -39.16
N LEU A 325 19.67 1.82 -38.31
CA LEU A 325 19.25 2.04 -36.93
C LEU A 325 20.41 2.45 -36.03
N PRO A 326 20.12 3.18 -34.95
CA PRO A 326 21.19 3.65 -34.06
C PRO A 326 21.78 2.53 -33.20
N CYS A 327 22.77 2.89 -32.40
CA CYS A 327 23.43 1.93 -31.52
C CYS A 327 23.00 2.13 -30.08
N LEU A 328 23.17 1.10 -29.27
CA LEU A 328 23.03 1.24 -27.83
C LEU A 328 24.38 1.67 -27.27
N GLN A 329 24.40 2.71 -26.45
CA GLN A 329 25.60 3.00 -25.69
C GLN A 329 25.47 2.34 -24.34
N VAL A 330 26.44 1.51 -23.99
CA VAL A 330 26.35 0.68 -22.80
C VAL A 330 27.58 0.86 -21.93
N GLY A 331 27.45 0.53 -20.65
CA GLY A 331 28.53 0.72 -19.69
C GLY A 331 28.61 2.15 -19.22
N GLN A 332 29.83 2.67 -19.12
CA GLN A 332 30.06 4.03 -18.63
C GLN A 332 29.52 5.09 -19.60
N GLU A 333 28.74 6.03 -19.05
CA GLU A 333 28.15 7.10 -19.84
C GLU A 333 29.21 7.93 -20.54
N GLN A 334 30.36 8.09 -19.90
CA GLN A 334 31.40 8.95 -20.46
C GLN A 334 32.39 8.22 -21.35
N LYS A 335 32.22 6.91 -21.43
CA LYS A 335 32.98 6.06 -22.32
C LYS A 335 32.30 5.90 -23.66
N HIS A 336 32.86 5.08 -24.52
CA HIS A 336 32.37 4.99 -25.88
C HIS A 336 31.94 3.65 -26.44
N THR A 337 31.53 2.72 -25.60
CA THR A 337 31.16 1.39 -26.08
C THR A 337 29.77 1.38 -26.69
N TYR A 338 29.66 0.95 -27.95
CA TYR A 338 28.40 0.97 -28.67
C TYR A 338 28.02 -0.37 -29.28
N LEU A 339 26.79 -0.81 -29.06
CA LEU A 339 26.36 -2.08 -29.59
C LEU A 339 25.24 -1.88 -30.55
N PRO A 340 25.43 -2.53 -31.78
CA PRO A 340 24.30 -2.42 -32.70
C PRO A 340 23.04 -3.11 -32.16
N LEU A 341 21.86 -2.68 -32.52
CA LEU A 341 20.65 -3.22 -31.90
C LEU A 341 20.50 -4.71 -32.21
N GLU A 342 20.97 -5.09 -33.39
CA GLU A 342 20.74 -6.44 -33.91
C GLU A 342 21.46 -7.56 -33.16
N VAL A 343 22.54 -7.22 -32.49
CA VAL A 343 23.33 -8.18 -31.76
C VAL A 343 22.93 -8.35 -30.28
N CYS A 344 21.87 -7.68 -29.88
CA CYS A 344 21.55 -7.53 -28.47
C CYS A 344 20.19 -8.05 -28.12
N ASN A 345 20.14 -8.66 -26.96
CA ASN A 345 18.92 -9.15 -26.39
C ASN A 345 18.65 -8.48 -25.07
N ILE A 346 17.40 -8.18 -24.78
CA ILE A 346 17.06 -7.74 -23.44
C ILE A 346 17.33 -8.95 -22.55
N VAL A 347 18.09 -8.78 -21.47
CA VAL A 347 18.34 -9.93 -20.62
C VAL A 347 17.12 -10.26 -19.76
N ALA A 348 16.90 -11.55 -19.57
CA ALA A 348 15.74 -12.04 -18.86
C ALA A 348 15.66 -11.60 -17.41
N GLY A 349 14.43 -11.49 -16.91
CA GLY A 349 14.18 -11.33 -15.49
C GLY A 349 14.42 -9.95 -14.93
N GLN A 350 14.25 -8.93 -15.76
CA GLN A 350 14.33 -7.55 -15.27
C GLN A 350 12.92 -7.04 -15.02
N ARG A 351 12.61 -6.74 -13.76
CA ARG A 351 11.30 -6.21 -13.45
C ARG A 351 11.11 -4.82 -14.05
N CYS A 352 9.91 -4.55 -14.51
CA CYS A 352 9.56 -3.22 -14.98
C CYS A 352 9.17 -2.36 -13.78
N ILE A 353 9.91 -1.28 -13.57
CA ILE A 353 9.68 -0.39 -12.43
C ILE A 353 8.80 0.79 -12.84
N LYS A 354 8.88 1.17 -14.11
CA LYS A 354 8.11 2.30 -14.62
C LYS A 354 6.60 2.02 -14.55
N LYS A 355 5.83 3.09 -14.39
CA LYS A 355 4.37 2.99 -14.41
C LYS A 355 3.91 2.37 -15.72
N LEU A 356 2.96 1.45 -15.63
CA LEU A 356 2.36 0.88 -16.82
C LEU A 356 1.46 1.92 -17.47
N THR A 357 1.27 1.83 -18.78
CA THR A 357 0.31 2.69 -19.46
C THR A 357 -1.09 2.27 -19.03
N ASP A 358 -2.07 3.09 -19.41
CA ASP A 358 -3.46 2.77 -19.09
C ASP A 358 -3.91 1.46 -19.74
N ASN A 359 -3.55 1.25 -21.00
CA ASN A 359 -3.85 0.00 -21.68
C ASN A 359 -3.15 -1.20 -21.06
N GLN A 360 -1.89 -1.02 -20.66
CA GLN A 360 -1.14 -2.09 -20.01
C GLN A 360 -1.78 -2.47 -18.67
N THR A 361 -2.18 -1.46 -17.92
CA THR A 361 -2.86 -1.67 -16.64
C THR A 361 -4.15 -2.46 -16.81
N SER A 362 -4.94 -2.06 -17.81
CA SER A 362 -6.17 -2.76 -18.15
C SER A 362 -5.91 -4.24 -18.41
N THR A 363 -4.88 -4.51 -19.21
CA THR A 363 -4.48 -5.88 -19.52
C THR A 363 -4.04 -6.63 -18.28
N MET A 364 -3.24 -5.97 -17.44
CA MET A 364 -2.79 -6.57 -16.19
C MET A 364 -3.96 -6.97 -15.29
N ILE A 365 -4.87 -6.03 -15.07
CA ILE A 365 -6.09 -6.30 -14.29
C ILE A 365 -6.84 -7.52 -14.82
N ARG A 366 -7.09 -7.55 -16.13
CA ARG A 366 -7.79 -8.68 -16.75
C ARG A 366 -7.06 -10.00 -16.60
N ALA A 367 -5.72 -9.94 -16.60
CA ALA A 367 -4.92 -11.13 -16.53
C ALA A 367 -4.88 -11.75 -15.13
N THR A 368 -5.11 -10.93 -14.11
CA THR A 368 -4.84 -11.33 -12.75
C THR A 368 -6.02 -11.30 -11.77
N ALA A 369 -7.10 -10.64 -12.16
CA ALA A 369 -8.27 -10.55 -11.28
C ALA A 369 -8.85 -11.94 -11.03
N ARG A 370 -9.20 -12.22 -9.78
CA ARG A 370 -9.76 -13.52 -9.39
C ARG A 370 -10.72 -13.35 -8.24
N SER A 371 -11.80 -14.13 -8.23
CA SER A 371 -12.70 -14.18 -7.08
C SER A 371 -11.98 -14.82 -5.90
N ALA A 372 -12.56 -14.73 -4.71
CA ALA A 372 -11.94 -15.37 -3.53
C ALA A 372 -11.78 -16.89 -3.69
N PRO A 373 -12.81 -17.60 -4.16
CA PRO A 373 -12.59 -19.04 -4.34
C PRO A 373 -11.52 -19.38 -5.38
N ASP A 374 -11.42 -18.57 -6.43
CA ASP A 374 -10.41 -18.80 -7.45
C ASP A 374 -8.99 -18.48 -6.92
N ARG A 375 -8.89 -17.43 -6.12
CA ARG A 375 -7.63 -17.11 -5.47
C ARG A 375 -7.21 -18.25 -4.56
N GLN A 376 -8.15 -18.76 -3.78
CA GLN A 376 -7.87 -19.83 -2.85
C GLN A 376 -7.36 -21.06 -3.59
N GLU A 377 -8.02 -21.39 -4.69
CA GLU A 377 -7.63 -22.56 -5.46
C GLU A 377 -6.23 -22.38 -6.07
N GLU A 378 -5.93 -21.16 -6.50
CA GLU A 378 -4.62 -20.86 -7.07
C GLU A 378 -3.49 -20.97 -6.05
N ILE A 379 -3.73 -20.51 -4.83
CA ILE A 379 -2.75 -20.68 -3.76
C ILE A 379 -2.56 -22.16 -3.47
N SER A 380 -3.68 -22.87 -3.32
CA SER A 380 -3.65 -24.31 -3.03
C SER A 380 -2.92 -25.11 -4.11
N LYS A 381 -3.20 -24.80 -5.36
CA LYS A 381 -2.53 -25.47 -6.47
C LYS A 381 -1.04 -25.19 -6.45
N LEU A 382 -0.70 -23.93 -6.20
CA LEU A 382 0.70 -23.53 -6.09
C LEU A 382 1.44 -24.33 -5.01
N MET A 383 0.79 -24.55 -3.88
CA MET A 383 1.41 -25.27 -2.78
C MET A 383 1.68 -26.74 -3.09
N ARG A 384 0.73 -27.38 -3.75
CA ARG A 384 0.91 -28.76 -4.17
C ARG A 384 2.01 -28.85 -5.23
N SER A 385 2.07 -27.84 -6.10
CA SER A 385 3.07 -27.80 -7.15
C SER A 385 4.46 -27.45 -6.62
N ALA A 386 4.51 -26.54 -5.65
CA ALA A 386 5.78 -26.08 -5.09
C ALA A 386 6.54 -27.23 -4.44
N ASP A 387 5.80 -28.11 -3.77
CA ASP A 387 6.35 -29.30 -3.14
C ASP A 387 7.56 -28.94 -2.27
N PHE A 388 7.33 -28.05 -1.30
CA PHE A 388 8.40 -27.55 -0.43
C PHE A 388 9.18 -28.66 0.28
N ASN A 389 8.54 -29.82 0.44
CA ASN A 389 9.15 -30.90 1.20
C ASN A 389 10.13 -31.75 0.41
N THR A 390 10.32 -31.43 -0.87
CA THR A 390 11.35 -32.10 -1.66
C THR A 390 12.47 -31.11 -2.01
N ASP A 391 12.31 -29.89 -1.55
CA ASP A 391 13.40 -28.92 -1.55
C ASP A 391 14.51 -29.54 -0.72
N PRO A 392 15.69 -29.78 -1.34
CA PRO A 392 16.78 -30.47 -0.66
C PRO A 392 17.32 -29.69 0.54
N TYR A 393 17.16 -28.37 0.52
CA TYR A 393 17.62 -27.54 1.63
C TYR A 393 16.63 -27.52 2.80
N VAL A 394 15.34 -27.47 2.48
CA VAL A 394 14.30 -27.58 3.50
C VAL A 394 14.47 -28.94 4.15
N ARG A 395 14.83 -29.89 3.30
CA ARG A 395 14.99 -31.27 3.72
C ARG A 395 16.20 -31.45 4.60
N GLU A 396 17.30 -30.80 4.23
CA GLU A 396 18.51 -30.84 5.03
C GLU A 396 18.24 -30.42 6.48
N PHE A 397 17.35 -29.45 6.65
CA PHE A 397 17.06 -28.92 7.98
C PHE A 397 15.86 -29.61 8.64
N GLY A 398 15.42 -30.73 8.06
CA GLY A 398 14.39 -31.56 8.66
C GLY A 398 13.03 -30.91 8.81
N ILE A 399 12.74 -29.95 7.94
CA ILE A 399 11.49 -29.21 8.01
C ILE A 399 10.42 -29.84 7.12
N MET A 400 9.21 -29.94 7.65
CA MET A 400 8.06 -30.37 6.85
C MET A 400 7.05 -29.23 6.77
N VAL A 401 6.41 -29.08 5.61
CA VAL A 401 5.37 -28.08 5.44
C VAL A 401 4.08 -28.77 4.98
N LYS A 402 2.98 -28.48 5.68
CA LYS A 402 1.67 -29.02 5.31
C LYS A 402 1.24 -28.45 3.96
N ASP A 403 0.62 -29.29 3.12
CA ASP A 403 0.22 -28.85 1.79
C ASP A 403 -1.20 -28.29 1.73
N GLU A 404 -1.87 -28.26 2.88
CA GLU A 404 -3.23 -27.70 2.95
C GLU A 404 -3.27 -26.46 3.83
N MET A 405 -4.15 -25.54 3.48
CA MET A 405 -4.35 -24.32 4.27
C MET A 405 -4.76 -24.66 5.69
N THR A 406 -4.31 -23.84 6.63
CA THR A 406 -4.69 -24.01 8.02
C THR A 406 -6.17 -23.70 8.24
N ASP A 407 -6.85 -24.54 9.01
CA ASP A 407 -8.22 -24.25 9.41
C ASP A 407 -8.22 -23.30 10.60
N VAL A 408 -9.01 -22.24 10.50
CA VAL A 408 -9.13 -21.27 11.58
C VAL A 408 -10.60 -20.98 11.80
N THR A 409 -11.01 -20.83 13.06
CA THR A 409 -12.37 -20.42 13.34
C THR A 409 -12.41 -18.92 13.54
N GLY A 410 -13.33 -18.27 12.83
CA GLY A 410 -13.57 -16.86 13.01
C GLY A 410 -14.87 -16.65 13.76
N ARG A 411 -15.12 -15.40 14.12
CA ARG A 411 -16.39 -14.99 14.68
C ARG A 411 -16.90 -13.81 13.85
N VAL A 412 -18.19 -13.81 13.55
CA VAL A 412 -18.76 -12.69 12.79
C VAL A 412 -19.46 -11.75 13.75
N LEU A 413 -18.82 -10.61 14.00
CA LEU A 413 -19.40 -9.65 14.91
C LEU A 413 -20.69 -9.07 14.36
N GLN A 414 -21.63 -8.81 15.27
CA GLN A 414 -22.82 -8.08 14.91
C GLN A 414 -22.50 -6.61 14.61
N PRO A 415 -23.13 -6.04 13.57
CA PRO A 415 -22.87 -4.63 13.25
C PRO A 415 -23.59 -3.75 14.26
N PRO A 416 -23.15 -2.50 14.44
CA PRO A 416 -23.92 -1.58 15.29
C PRO A 416 -25.16 -1.14 14.53
N SER A 417 -26.17 -0.66 15.24
CA SER A 417 -27.26 0.03 14.58
C SER A 417 -26.85 1.49 14.35
N ILE A 418 -27.41 2.10 13.32
CA ILE A 418 -27.01 3.43 12.91
C ILE A 418 -28.20 4.37 13.10
N LEU A 419 -28.00 5.42 13.89
CA LEU A 419 -29.09 6.31 14.24
C LEU A 419 -29.13 7.57 13.36
N TYR A 420 -30.25 7.77 12.69
CA TYR A 420 -30.48 8.96 11.89
C TYR A 420 -31.32 9.99 12.65
N GLY A 421 -31.72 11.06 11.97
CA GLY A 421 -32.39 12.17 12.64
C GLY A 421 -33.75 12.51 12.08
N GLY A 422 -34.01 13.81 11.96
CA GLY A 422 -35.33 14.29 11.59
C GLY A 422 -36.33 13.98 12.69
N ARG A 423 -37.61 14.00 12.35
CA ARG A 423 -38.67 13.65 13.30
C ARG A 423 -38.59 12.17 13.64
N ASN A 424 -38.54 11.34 12.59
CA ASN A 424 -38.58 9.87 12.65
C ASN A 424 -37.43 9.22 13.43
N LYS A 425 -36.24 9.83 13.35
CA LYS A 425 -35.10 9.28 14.06
C LYS A 425 -34.92 7.81 13.72
N ALA A 426 -34.90 7.55 12.45
CA ALA A 426 -34.86 6.21 11.95
C ALA A 426 -33.57 5.52 12.37
N ILE A 427 -33.69 4.22 12.54
CA ILE A 427 -32.56 3.37 12.84
C ILE A 427 -32.32 2.46 11.66
N ALA A 428 -31.09 2.46 11.17
CA ALA A 428 -30.72 1.59 10.07
C ALA A 428 -29.93 0.41 10.63
N THR A 429 -30.20 -0.77 10.06
CA THR A 429 -29.52 -1.98 10.49
C THR A 429 -28.68 -2.51 9.34
N PRO A 430 -27.35 -2.43 9.47
CA PRO A 430 -26.50 -2.99 8.41
C PRO A 430 -26.73 -4.48 8.26
N VAL A 431 -26.69 -4.94 7.01
CA VAL A 431 -26.75 -6.36 6.68
C VAL A 431 -25.69 -6.62 5.64
N GLN A 432 -24.85 -7.63 5.88
CA GLN A 432 -23.71 -7.92 5.02
C GLN A 432 -22.88 -6.68 4.69
N GLY A 433 -22.75 -5.81 5.68
CA GLY A 433 -21.83 -4.68 5.57
C GLY A 433 -22.37 -3.42 4.94
N VAL A 434 -23.67 -3.40 4.65
CA VAL A 434 -24.30 -2.31 3.90
C VAL A 434 -25.64 -1.88 4.49
N TRP A 435 -25.91 -0.58 4.49
CA TRP A 435 -27.26 -0.12 4.75
C TRP A 435 -27.64 0.96 3.74
N ASP A 436 -28.82 1.56 3.91
CA ASP A 436 -29.22 2.64 3.03
C ASP A 436 -29.91 3.73 3.81
N MET A 437 -30.04 4.88 3.16
CA MET A 437 -30.59 6.06 3.80
C MET A 437 -32.01 6.33 3.36
N ARG A 438 -32.63 5.36 2.70
CA ARG A 438 -33.97 5.58 2.19
C ARG A 438 -34.97 5.78 3.32
N ASN A 439 -35.77 6.83 3.19
CA ASN A 439 -36.69 7.25 4.24
C ASN A 439 -36.01 7.67 5.54
N LYS A 440 -34.76 8.09 5.43
CA LYS A 440 -34.02 8.57 6.60
C LYS A 440 -33.47 9.97 6.37
N GLN A 441 -33.37 10.74 7.45
CA GLN A 441 -32.85 12.10 7.38
C GLN A 441 -31.59 12.17 8.24
N PHE A 442 -30.66 13.06 7.89
CA PHE A 442 -29.42 13.22 8.66
C PHE A 442 -29.72 13.50 10.13
N HIS A 443 -28.87 12.97 11.01
CA HIS A 443 -28.95 13.23 12.44
C HIS A 443 -28.99 14.74 12.66
N THR A 444 -28.05 15.44 12.06
CA THR A 444 -28.07 16.89 12.02
C THR A 444 -27.80 17.34 10.59
N GLY A 445 -28.85 17.78 9.90
CA GLY A 445 -28.73 18.25 8.53
C GLY A 445 -28.61 19.76 8.47
N ILE A 446 -27.80 20.24 7.54
CA ILE A 446 -27.57 21.66 7.38
C ILE A 446 -28.61 22.24 6.42
N GLU A 447 -29.15 23.41 6.75
CA GLU A 447 -30.01 24.12 5.81
C GLU A 447 -29.12 24.95 4.91
N ILE A 448 -29.19 24.73 3.60
CA ILE A 448 -28.35 25.47 2.68
C ILE A 448 -29.14 26.63 2.10
N LYS A 449 -28.80 27.85 2.51
CA LYS A 449 -29.52 29.06 2.10
C LYS A 449 -28.79 29.81 0.98
N VAL A 450 -27.47 29.85 1.07
CA VAL A 450 -26.66 30.58 0.09
C VAL A 450 -25.60 29.68 -0.52
N TRP A 451 -25.75 29.38 -1.81
CA TRP A 451 -24.77 28.55 -2.50
C TRP A 451 -24.62 29.01 -3.93
N ALA A 452 -23.50 28.65 -4.55
CA ALA A 452 -23.22 29.09 -5.92
C ALA A 452 -22.81 27.90 -6.77
N ILE A 453 -22.93 28.06 -8.08
CA ILE A 453 -22.41 27.09 -9.02
C ILE A 453 -21.38 27.74 -9.95
N ALA A 454 -20.23 27.10 -10.08
CA ALA A 454 -19.22 27.51 -11.04
C ALA A 454 -19.03 26.36 -12.02
N CYS A 455 -19.36 26.57 -13.29
CA CYS A 455 -19.24 25.49 -14.26
C CYS A 455 -18.04 25.69 -15.18
N PHE A 456 -17.00 24.87 -14.99
CA PHE A 456 -15.79 24.95 -15.79
C PHE A 456 -15.85 24.03 -17.00
N ALA A 457 -16.94 23.27 -17.10
CA ALA A 457 -17.22 22.50 -18.29
C ALA A 457 -17.77 23.45 -19.35
N PRO A 458 -17.49 23.17 -20.63
CA PRO A 458 -17.94 24.06 -21.70
C PRO A 458 -19.46 24.07 -21.85
N GLN A 459 -20.03 25.26 -22.03
CA GLN A 459 -21.48 25.42 -22.09
C GLN A 459 -22.15 24.53 -23.14
N ARG A 460 -21.45 24.27 -24.24
CA ARG A 460 -22.01 23.46 -25.31
C ARG A 460 -22.28 22.02 -24.87
N GLN A 461 -21.45 21.49 -23.98
CA GLN A 461 -21.60 20.12 -23.51
C GLN A 461 -22.42 20.04 -22.23
N CYS A 462 -22.24 21.02 -21.34
CA CYS A 462 -22.96 21.06 -20.08
C CYS A 462 -23.80 22.31 -20.07
N THR A 463 -25.01 22.20 -20.62
CA THR A 463 -25.85 23.37 -20.88
C THR A 463 -26.57 23.85 -19.63
N GLU A 464 -27.24 25.00 -19.76
CA GLU A 464 -28.00 25.55 -18.65
C GLU A 464 -29.15 24.63 -18.27
N VAL A 465 -29.66 23.90 -19.26
CA VAL A 465 -30.71 22.92 -19.02
C VAL A 465 -30.16 21.79 -18.15
N HIS A 466 -28.96 21.31 -18.47
CA HIS A 466 -28.31 20.29 -17.65
C HIS A 466 -28.18 20.77 -16.21
N LEU A 467 -27.68 22.00 -16.05
CA LEU A 467 -27.43 22.56 -14.72
C LEU A 467 -28.72 22.71 -13.93
N LYS A 468 -29.76 23.18 -14.60
CA LYS A 468 -31.08 23.32 -13.99
C LYS A 468 -31.66 21.98 -13.55
N SER A 469 -31.60 20.99 -14.42
CA SER A 469 -32.12 19.67 -14.08
C SER A 469 -31.33 19.03 -12.94
N PHE A 470 -30.00 19.18 -13.00
CA PHE A 470 -29.14 18.66 -11.95
C PHE A 470 -29.49 19.33 -10.63
N THR A 471 -29.67 20.65 -10.67
CA THR A 471 -30.05 21.42 -9.49
C THR A 471 -31.37 20.92 -8.89
N GLU A 472 -32.39 20.76 -9.74
CA GLU A 472 -33.69 20.29 -9.27
C GLU A 472 -33.60 18.93 -8.61
N GLN A 473 -32.92 18.00 -9.26
CA GLN A 473 -32.79 16.64 -8.73
C GLN A 473 -31.98 16.61 -7.44
N LEU A 474 -30.93 17.42 -7.38
CA LEU A 474 -30.14 17.52 -6.16
C LEU A 474 -30.98 18.10 -5.01
N ARG A 475 -31.77 19.14 -5.30
CA ARG A 475 -32.60 19.74 -4.27
C ARG A 475 -33.63 18.76 -3.73
N LYS A 476 -34.14 17.91 -4.62
CA LYS A 476 -35.10 16.88 -4.22
C LYS A 476 -34.49 15.86 -3.27
N ILE A 477 -33.35 15.30 -3.65
CA ILE A 477 -32.65 14.32 -2.84
C ILE A 477 -32.24 14.92 -1.49
N SER A 478 -31.80 16.18 -1.52
CA SER A 478 -31.28 16.83 -0.33
C SER A 478 -32.39 17.09 0.70
N ARG A 479 -33.54 17.53 0.20
CA ARG A 479 -34.72 17.70 1.05
C ARG A 479 -35.13 16.37 1.71
N ASP A 480 -35.08 15.29 0.94
CA ASP A 480 -35.36 13.97 1.49
C ASP A 480 -34.38 13.57 2.59
N ALA A 481 -33.13 13.99 2.46
CA ALA A 481 -32.08 13.63 3.42
C ALA A 481 -32.07 14.53 4.66
N GLY A 482 -32.89 15.56 4.67
CA GLY A 482 -32.92 16.49 5.79
C GLY A 482 -31.83 17.55 5.68
N MET A 483 -31.37 17.78 4.45
CA MET A 483 -30.41 18.85 4.20
C MET A 483 -31.01 19.74 3.11
N PRO A 484 -32.04 20.52 3.49
CA PRO A 484 -32.79 21.25 2.46
C PRO A 484 -31.96 22.34 1.79
N ILE A 485 -31.85 22.27 0.47
CA ILE A 485 -31.30 23.36 -0.31
C ILE A 485 -32.49 24.24 -0.66
N GLN A 486 -32.63 25.33 0.06
CA GLN A 486 -33.89 26.04 0.13
C GLN A 486 -34.17 27.02 -1.01
N GLY A 487 -33.25 27.12 -1.96
CA GLY A 487 -33.48 27.97 -3.12
C GLY A 487 -32.55 27.69 -4.28
N GLN A 488 -32.70 28.47 -5.35
CA GLN A 488 -31.78 28.42 -6.47
C GLN A 488 -30.45 29.00 -6.01
N PRO A 489 -29.35 28.67 -6.72
CA PRO A 489 -28.06 29.24 -6.31
C PRO A 489 -28.07 30.77 -6.45
N CYS A 490 -27.24 31.45 -5.68
CA CYS A 490 -27.18 32.91 -5.72
C CYS A 490 -26.38 33.39 -6.93
N PHE A 491 -25.66 32.46 -7.55
CA PHE A 491 -24.70 32.76 -8.58
C PHE A 491 -24.50 31.48 -9.39
N CYS A 492 -24.50 31.60 -10.71
CA CYS A 492 -24.26 30.45 -11.57
C CYS A 492 -23.62 30.96 -12.85
N LYS A 493 -22.35 30.64 -13.05
CA LYS A 493 -21.59 31.15 -14.18
C LYS A 493 -20.65 30.11 -14.78
N TYR A 494 -20.45 30.21 -16.09
CA TYR A 494 -19.46 29.41 -16.77
C TYR A 494 -18.11 30.09 -16.66
N ALA A 495 -17.06 29.28 -16.55
CA ALA A 495 -15.71 29.80 -16.55
C ALA A 495 -14.83 28.81 -17.28
N GLN A 496 -13.64 29.25 -17.64
CA GLN A 496 -12.73 28.37 -18.35
C GLN A 496 -11.29 28.59 -17.89
N GLY A 497 -10.62 27.51 -17.50
CA GLY A 497 -9.20 27.56 -17.19
C GLY A 497 -8.89 27.88 -15.75
N ALA A 498 -7.72 27.44 -15.30
CA ALA A 498 -7.31 27.63 -13.91
C ALA A 498 -7.18 29.11 -13.51
N ASP A 499 -6.89 29.99 -14.45
CA ASP A 499 -6.72 31.40 -14.09
C ASP A 499 -8.01 32.02 -13.59
N SER A 500 -9.15 31.49 -14.02
CA SER A 500 -10.43 32.06 -13.63
C SER A 500 -10.88 31.69 -12.21
N VAL A 501 -10.26 30.67 -11.60
CA VAL A 501 -10.73 30.19 -10.30
C VAL A 501 -10.60 31.22 -9.18
N GLU A 502 -9.40 31.74 -8.97
CA GLU A 502 -9.19 32.63 -7.84
C GLU A 502 -10.02 33.93 -7.91
N PRO A 503 -10.04 34.60 -9.09
CA PRO A 503 -10.84 35.82 -9.15
C PRO A 503 -12.33 35.55 -8.95
N MET A 504 -12.82 34.44 -9.48
CA MET A 504 -14.23 34.11 -9.26
C MET A 504 -14.53 33.83 -7.79
N PHE A 505 -13.66 33.07 -7.14
CA PHE A 505 -13.90 32.72 -5.75
C PHE A 505 -13.78 33.94 -4.84
N ARG A 506 -12.83 34.81 -5.14
CA ARG A 506 -12.68 36.05 -4.37
C ARG A 506 -13.93 36.91 -4.53
N HIS A 507 -14.44 36.97 -5.76
CA HIS A 507 -15.68 37.70 -6.02
C HIS A 507 -16.83 37.11 -5.22
N LEU A 508 -16.97 35.79 -5.24
CA LEU A 508 -18.04 35.13 -4.50
C LEU A 508 -17.96 35.41 -3.00
N LYS A 509 -16.76 35.30 -2.45
CA LYS A 509 -16.56 35.52 -1.02
C LYS A 509 -16.87 36.96 -0.64
N ASN A 510 -16.44 37.91 -1.48
CA ASN A 510 -16.67 39.33 -1.22
C ASN A 510 -18.12 39.77 -1.42
N THR A 511 -18.85 39.03 -2.25
CA THR A 511 -20.17 39.49 -2.71
C THR A 511 -21.32 38.89 -1.93
N TYR A 512 -21.24 37.59 -1.65
CA TYR A 512 -22.37 36.87 -1.09
C TYR A 512 -22.19 36.55 0.39
N ALA A 513 -22.79 37.39 1.23
CA ALA A 513 -22.77 37.18 2.68
C ALA A 513 -23.44 35.87 3.01
N GLY A 514 -22.83 35.10 3.91
CA GLY A 514 -23.40 33.85 4.35
C GLY A 514 -23.24 32.70 3.37
N LEU A 515 -22.44 32.91 2.32
CA LEU A 515 -22.20 31.86 1.33
C LEU A 515 -21.69 30.59 1.99
N GLN A 516 -22.34 29.46 1.71
CA GLN A 516 -22.03 28.22 2.39
C GLN A 516 -21.31 27.22 1.52
N LEU A 517 -21.47 27.33 0.20
CA LEU A 517 -20.95 26.29 -0.67
C LEU A 517 -20.82 26.76 -2.10
N VAL A 518 -19.73 26.36 -2.75
CA VAL A 518 -19.62 26.48 -4.20
C VAL A 518 -19.59 25.08 -4.81
N VAL A 519 -20.58 24.80 -5.66
CA VAL A 519 -20.60 23.55 -6.42
C VAL A 519 -19.83 23.81 -7.70
N VAL A 520 -18.81 22.99 -7.96
CA VAL A 520 -17.92 23.24 -9.08
C VAL A 520 -18.03 22.09 -10.06
N ILE A 521 -18.47 22.38 -11.26
CA ILE A 521 -18.61 21.40 -12.29
C ILE A 521 -17.37 21.33 -13.18
N LEU A 522 -16.85 20.13 -13.31
CA LEU A 522 -15.63 19.89 -14.03
C LEU A 522 -15.79 18.99 -15.25
N PRO A 523 -15.00 19.40 -16.33
CA PRO A 523 -15.05 18.51 -17.47
C PRO A 523 -14.01 17.38 -17.33
N GLY A 524 -14.25 16.43 -16.47
CA GLY A 524 -13.31 15.34 -16.32
C GLY A 524 -12.01 15.78 -15.71
N LYS A 525 -10.97 15.07 -16.05
CA LYS A 525 -9.71 15.29 -15.44
C LYS A 525 -9.14 16.64 -15.87
N THR A 526 -8.80 17.47 -14.93
CA THR A 526 -8.30 18.79 -15.25
C THR A 526 -7.48 19.41 -14.12
N PRO A 527 -6.48 20.21 -14.47
CA PRO A 527 -5.73 20.94 -13.46
C PRO A 527 -6.60 21.95 -12.69
N VAL A 528 -7.77 22.26 -13.23
CA VAL A 528 -8.72 23.11 -12.52
C VAL A 528 -9.10 22.54 -11.13
N TYR A 529 -9.20 21.21 -11.02
CA TYR A 529 -9.51 20.61 -9.72
C TYR A 529 -8.52 21.02 -8.63
N ALA A 530 -7.23 20.83 -8.87
CA ALA A 530 -6.21 21.17 -7.88
C ALA A 530 -6.22 22.67 -7.56
N GLU A 531 -6.51 23.48 -8.56
CA GLU A 531 -6.60 24.92 -8.34
C GLU A 531 -7.81 25.29 -7.48
N VAL A 532 -8.93 24.62 -7.72
CA VAL A 532 -10.12 24.80 -6.88
C VAL A 532 -9.81 24.50 -5.41
N LYS A 533 -9.14 23.39 -5.17
CA LYS A 533 -8.80 23.03 -3.80
C LYS A 533 -7.70 23.91 -3.21
N ARG A 534 -6.75 24.36 -4.03
CA ARG A 534 -5.75 25.31 -3.51
C ARG A 534 -6.47 26.55 -3.01
N VAL A 535 -7.32 27.11 -3.84
CA VAL A 535 -7.99 28.37 -3.54
C VAL A 535 -9.00 28.19 -2.40
N GLY A 536 -9.84 27.17 -2.53
CA GLY A 536 -10.87 26.91 -1.54
C GLY A 536 -10.33 26.49 -0.19
N ASP A 537 -9.44 25.51 -0.18
CA ASP A 537 -8.97 24.96 1.11
C ASP A 537 -7.91 25.84 1.76
N THR A 538 -7.05 26.47 0.96
CA THR A 538 -5.85 27.09 1.51
C THR A 538 -5.78 28.61 1.35
N VAL A 539 -6.30 29.16 0.26
CA VAL A 539 -6.20 30.62 0.04
C VAL A 539 -7.34 31.41 0.69
N LEU A 540 -8.58 30.93 0.50
CA LEU A 540 -9.74 31.69 0.90
C LEU A 540 -10.59 31.03 1.99
N GLY A 541 -10.45 29.73 2.16
CA GLY A 541 -11.18 29.02 3.20
C GLY A 541 -12.68 28.97 2.91
N MET A 542 -13.03 28.38 1.77
CA MET A 542 -14.41 28.31 1.32
C MET A 542 -14.74 26.86 0.97
N ALA A 543 -15.90 26.39 1.38
CA ALA A 543 -16.33 25.02 1.08
C ALA A 543 -16.60 24.85 -0.42
N THR A 544 -16.03 23.80 -0.98
CA THR A 544 -16.28 23.48 -2.39
C THR A 544 -16.66 22.02 -2.53
N GLN A 545 -17.57 21.75 -3.47
CA GLN A 545 -17.92 20.39 -3.84
C GLN A 545 -17.84 20.27 -5.35
N CYS A 546 -16.83 19.55 -5.83
CA CYS A 546 -16.70 19.33 -7.26
C CYS A 546 -17.54 18.16 -7.74
N VAL A 547 -17.99 18.23 -8.98
CA VAL A 547 -18.77 17.15 -9.58
C VAL A 547 -18.34 17.05 -11.03
N GLN A 548 -18.14 15.83 -11.52
CA GLN A 548 -17.82 15.67 -12.93
C GLN A 548 -19.02 15.97 -13.81
N MET A 549 -18.76 16.61 -14.95
CA MET A 549 -19.81 16.96 -15.91
C MET A 549 -20.71 15.78 -16.24
N LYS A 550 -20.13 14.59 -16.40
CA LYS A 550 -20.95 13.44 -16.74
C LYS A 550 -22.01 13.11 -15.69
N ASN A 551 -21.75 13.45 -14.43
CA ASN A 551 -22.70 13.18 -13.35
C ASN A 551 -23.68 14.34 -13.13
N VAL A 552 -23.52 15.38 -13.93
CA VAL A 552 -24.47 16.48 -13.98
C VAL A 552 -25.43 16.25 -15.14
N GLN A 553 -24.87 15.85 -16.29
CA GLN A 553 -25.66 15.60 -17.50
C GLN A 553 -26.64 14.44 -17.29
N ARG A 554 -26.16 13.40 -16.62
CA ARG A 554 -26.99 12.24 -16.30
C ARG A 554 -26.86 11.90 -14.83
N THR A 555 -27.92 12.09 -14.07
CA THR A 555 -27.89 11.88 -12.64
C THR A 555 -28.59 10.59 -12.24
N THR A 556 -28.18 10.04 -11.10
CA THR A 556 -28.86 8.91 -10.50
C THR A 556 -29.12 9.25 -9.04
N PRO A 557 -30.21 8.72 -8.47
CA PRO A 557 -30.52 8.98 -7.05
C PRO A 557 -29.41 8.55 -6.10
N GLN A 558 -28.73 7.45 -6.41
CA GLN A 558 -27.67 6.97 -5.53
C GLN A 558 -26.45 7.88 -5.59
N THR A 559 -26.11 8.37 -6.77
CA THR A 559 -24.96 9.29 -6.89
C THR A 559 -25.29 10.62 -6.19
N LEU A 560 -26.50 11.12 -6.40
CA LEU A 560 -26.88 12.39 -5.79
C LEU A 560 -26.92 12.27 -4.27
N SER A 561 -27.46 11.16 -3.79
CA SER A 561 -27.51 10.91 -2.35
C SER A 561 -26.09 10.88 -1.76
N ASN A 562 -25.20 10.14 -2.40
CA ASN A 562 -23.81 10.10 -1.97
C ASN A 562 -23.19 11.49 -1.97
N LEU A 563 -23.50 12.28 -2.99
CA LEU A 563 -23.00 13.65 -3.05
C LEU A 563 -23.47 14.44 -1.83
N CYS A 564 -24.73 14.27 -1.45
CA CYS A 564 -25.28 14.95 -0.28
C CYS A 564 -24.58 14.54 1.01
N LEU A 565 -24.15 13.29 1.09
CA LEU A 565 -23.37 12.82 2.24
C LEU A 565 -22.15 13.71 2.46
N LYS A 566 -21.46 14.01 1.37
CA LYS A 566 -20.26 14.84 1.44
C LYS A 566 -20.59 16.31 1.71
N ILE A 567 -21.65 16.80 1.07
CA ILE A 567 -22.03 18.21 1.26
C ILE A 567 -22.42 18.51 2.71
N ASN A 568 -23.28 17.66 3.29
CA ASN A 568 -23.68 17.85 4.67
C ASN A 568 -22.48 17.91 5.61
N VAL A 569 -21.56 16.97 5.43
CA VAL A 569 -20.34 16.89 6.25
C VAL A 569 -19.47 18.13 6.10
N LYS A 570 -19.27 18.54 4.86
CA LYS A 570 -18.43 19.70 4.58
C LYS A 570 -18.99 20.97 5.20
N LEU A 571 -20.31 21.02 5.36
CA LEU A 571 -20.98 22.21 5.88
C LEU A 571 -21.21 22.12 7.38
N GLY A 572 -20.66 21.09 8.01
CA GLY A 572 -20.70 20.97 9.46
C GLY A 572 -21.74 20.02 10.03
N GLY A 573 -22.46 19.31 9.17
CA GLY A 573 -23.53 18.44 9.61
C GLY A 573 -23.08 17.10 10.19
N VAL A 574 -24.01 16.39 10.83
CA VAL A 574 -23.75 15.04 11.34
C VAL A 574 -24.64 14.07 10.57
N ASN A 575 -24.05 13.22 9.73
CA ASN A 575 -24.88 12.39 8.84
C ASN A 575 -25.69 11.37 9.64
N ASN A 576 -25.02 10.70 10.55
CA ASN A 576 -25.66 9.72 11.43
C ASN A 576 -24.72 9.46 12.60
N ILE A 577 -25.20 8.71 13.60
CA ILE A 577 -24.33 8.36 14.72
C ILE A 577 -24.52 6.90 15.08
N LEU A 578 -23.52 6.31 15.71
CA LEU A 578 -23.69 4.99 16.29
C LEU A 578 -24.83 5.05 17.29
N LEU A 579 -25.67 4.02 17.33
CA LEU A 579 -26.74 3.97 18.33
C LEU A 579 -26.05 4.11 19.68
N PRO A 580 -26.37 5.18 20.43
CA PRO A 580 -25.58 5.52 21.63
C PRO A 580 -25.52 4.36 22.63
N GLN A 581 -26.66 3.71 22.90
CA GLN A 581 -26.68 2.63 23.88
C GLN A 581 -26.01 1.34 23.39
N GLY A 582 -25.69 1.27 22.10
CA GLY A 582 -25.06 0.08 21.55
C GLY A 582 -23.54 0.14 21.57
N ARG A 583 -23.00 1.29 22.00
CA ARG A 583 -21.55 1.48 22.00
C ARG A 583 -20.87 0.77 23.16
N PRO A 584 -19.59 0.38 22.98
CA PRO A 584 -18.82 -0.22 24.08
C PRO A 584 -18.64 0.76 25.24
N PRO A 585 -18.30 0.26 26.44
CA PRO A 585 -18.27 1.07 27.66
C PRO A 585 -17.22 2.16 27.68
N VAL A 586 -16.25 2.12 26.76
CA VAL A 586 -15.22 3.16 26.70
C VAL A 586 -15.86 4.55 26.57
N PHE A 587 -17.05 4.61 25.97
CA PHE A 587 -17.73 5.89 25.76
C PHE A 587 -18.34 6.50 27.03
N GLN A 588 -18.28 5.80 28.15
CA GLN A 588 -18.82 6.34 29.40
C GLN A 588 -17.99 7.50 29.96
N GLN A 589 -16.75 7.62 29.50
CA GLN A 589 -15.87 8.74 29.86
C GLN A 589 -15.41 9.39 28.57
N PRO A 590 -15.00 10.67 28.64
CA PRO A 590 -14.54 11.35 27.42
C PRO A 590 -13.36 10.62 26.78
N VAL A 591 -13.44 10.41 25.47
CA VAL A 591 -12.39 9.70 24.76
C VAL A 591 -12.22 10.34 23.39
N ILE A 592 -10.97 10.48 22.95
CA ILE A 592 -10.73 10.99 21.61
C ILE A 592 -10.15 9.87 20.76
N PHE A 593 -10.61 9.78 19.52
CA PHE A 593 -10.12 8.78 18.58
C PHE A 593 -9.26 9.47 17.54
N LEU A 594 -8.03 9.00 17.39
CA LEU A 594 -7.09 9.56 16.43
C LEU A 594 -6.81 8.56 15.33
N GLY A 595 -6.66 9.06 14.11
CA GLY A 595 -6.25 8.24 12.98
C GLY A 595 -5.02 8.87 12.39
N ALA A 596 -4.01 8.07 12.08
CA ALA A 596 -2.77 8.63 11.60
C ALA A 596 -2.22 7.82 10.45
N ASP A 597 -1.70 8.51 9.44
CA ASP A 597 -1.13 7.83 8.29
C ASP A 597 0.01 8.66 7.73
N VAL A 598 0.98 7.98 7.14
CA VAL A 598 1.99 8.64 6.32
C VAL A 598 1.85 8.06 4.94
N THR A 599 1.88 8.92 3.93
CA THR A 599 1.83 8.50 2.54
C THR A 599 3.14 8.89 1.87
N HIS A 600 3.79 7.92 1.26
CA HIS A 600 5.09 8.13 0.67
C HIS A 600 4.98 8.37 -0.85
N PRO A 601 6.00 9.01 -1.45
CA PRO A 601 5.97 9.28 -2.89
C PRO A 601 6.02 7.99 -3.72
N PRO A 602 5.59 8.06 -4.99
CA PRO A 602 5.55 6.89 -5.89
C PRO A 602 6.93 6.26 -6.14
N ALA A 603 6.93 5.04 -6.64
CA ALA A 603 8.15 4.32 -7.01
C ALA A 603 9.05 5.18 -7.89
N GLY A 604 10.35 5.09 -7.66
CA GLY A 604 11.32 5.80 -8.48
C GLY A 604 11.52 7.26 -8.13
N ASP A 605 10.65 7.80 -7.28
CA ASP A 605 10.79 9.20 -6.88
C ASP A 605 11.91 9.37 -5.87
N GLY A 606 12.67 10.45 -6.01
CA GLY A 606 13.83 10.67 -5.17
C GLY A 606 13.81 11.88 -4.25
N LYS A 607 12.91 12.83 -4.50
CA LYS A 607 12.93 14.07 -3.72
C LYS A 607 11.60 14.52 -3.11
N LYS A 608 10.50 13.85 -3.42
CA LYS A 608 9.21 14.31 -2.89
C LYS A 608 9.12 14.03 -1.39
N PRO A 609 8.39 14.89 -0.66
CA PRO A 609 8.30 14.67 0.78
C PRO A 609 7.35 13.54 1.05
N SER A 610 7.47 12.89 2.21
CA SER A 610 6.35 12.07 2.64
C SER A 610 5.37 12.99 3.38
N ILE A 611 4.12 12.57 3.48
CA ILE A 611 3.09 13.42 4.03
C ILE A 611 2.47 12.72 5.23
N ALA A 612 2.48 13.37 6.39
CA ALA A 612 1.92 12.80 7.61
C ALA A 612 0.58 13.47 7.89
N ALA A 613 -0.44 12.66 8.16
CA ALA A 613 -1.76 13.19 8.48
C ALA A 613 -2.27 12.55 9.76
N VAL A 614 -2.79 13.38 10.65
CA VAL A 614 -3.44 12.90 11.87
C VAL A 614 -4.78 13.59 12.04
N VAL A 615 -5.84 12.79 12.24
CA VAL A 615 -7.17 13.35 12.47
C VAL A 615 -7.63 12.99 13.86
N GLY A 616 -8.55 13.76 14.41
CA GLY A 616 -9.03 13.46 15.76
C GLY A 616 -10.51 13.70 15.87
N SER A 617 -11.23 12.83 16.58
CA SER A 617 -12.66 13.00 16.76
C SER A 617 -12.95 14.25 17.58
N MET A 618 -14.13 14.83 17.39
CA MET A 618 -14.46 16.13 17.97
C MET A 618 -15.82 16.13 18.65
N ASP A 619 -16.38 14.94 18.85
CA ASP A 619 -17.63 14.81 19.59
C ASP A 619 -17.71 13.43 20.19
N ALA A 620 -18.79 13.15 20.91
CA ALA A 620 -18.92 11.89 21.65
C ALA A 620 -19.52 10.75 20.82
N HIS A 621 -19.90 11.05 19.58
CA HIS A 621 -20.71 10.11 18.79
C HIS A 621 -20.05 8.77 18.46
N PRO A 622 -18.80 8.77 17.92
CA PRO A 622 -17.95 9.86 17.43
C PRO A 622 -18.20 10.01 15.92
N ASN A 623 -18.34 11.25 15.45
CA ASN A 623 -18.66 11.46 14.05
C ASN A 623 -17.82 12.54 13.38
N ARG A 624 -17.81 13.75 13.95
CA ARG A 624 -17.03 14.86 13.39
C ARG A 624 -15.55 14.70 13.73
N TYR A 625 -14.69 15.03 12.76
CA TYR A 625 -13.23 14.98 12.94
C TYR A 625 -12.60 16.28 12.49
N CYS A 626 -11.47 16.66 13.10
CA CYS A 626 -10.62 17.72 12.55
C CYS A 626 -9.31 17.11 12.10
N ALA A 627 -8.58 17.80 11.23
CA ALA A 627 -7.38 17.25 10.61
C ALA A 627 -6.14 18.09 10.89
N THR A 628 -5.00 17.41 10.92
CA THR A 628 -3.70 18.08 10.89
C THR A 628 -2.87 17.37 9.84
N VAL A 629 -1.92 18.09 9.24
CA VAL A 629 -1.12 17.50 8.17
C VAL A 629 0.25 18.17 8.13
N ARG A 630 1.28 17.40 7.75
CA ARG A 630 2.64 17.94 7.67
C ARG A 630 3.37 17.32 6.49
N VAL A 631 4.27 18.07 5.88
CA VAL A 631 5.26 17.45 5.00
C VAL A 631 6.45 17.04 5.86
N GLN A 632 7.13 15.97 5.49
CA GLN A 632 8.30 15.55 6.24
C GLN A 632 9.27 14.80 5.36
N GLN A 633 10.36 14.35 5.95
CA GLN A 633 11.45 13.73 5.20
C GLN A 633 11.01 12.62 4.24
N HIS A 634 11.60 12.64 3.05
CA HIS A 634 11.35 11.66 1.99
C HIS A 634 11.42 10.23 2.51
N ARG A 635 10.29 9.53 2.45
CA ARG A 635 10.17 8.11 2.81
C ARG A 635 10.39 7.77 4.29
N GLN A 636 10.23 8.76 5.15
CA GLN A 636 10.26 8.52 6.60
C GLN A 636 8.89 8.15 7.10
N GLU A 637 8.77 6.99 7.75
CA GLU A 637 7.47 6.53 8.27
C GLU A 637 7.11 7.17 9.60
N ILE A 638 8.10 7.35 10.47
CA ILE A 638 7.83 7.97 11.78
C ILE A 638 7.26 9.38 11.57
N ILE A 639 6.17 9.70 12.25
CA ILE A 639 5.57 11.03 12.12
C ILE A 639 6.37 12.03 12.94
N GLN A 640 7.14 12.85 12.25
CA GLN A 640 8.15 13.68 12.92
C GLN A 640 7.52 14.68 13.90
N ASP A 641 6.43 15.33 13.49
CA ASP A 641 5.88 16.45 14.24
C ASP A 641 4.61 16.02 14.97
N LEU A 642 4.55 14.76 15.36
CA LEU A 642 3.31 14.20 15.92
C LEU A 642 2.87 14.92 17.20
N ALA A 643 3.83 15.29 18.05
CA ALA A 643 3.47 15.93 19.32
C ALA A 643 2.69 17.22 19.09
N ALA A 644 3.14 18.04 18.14
CA ALA A 644 2.45 19.30 17.86
C ALA A 644 1.07 19.04 17.26
N MET A 645 0.98 18.01 16.42
CA MET A 645 -0.27 17.67 15.76
C MET A 645 -1.32 17.21 16.78
N VAL A 646 -0.91 16.33 17.69
CA VAL A 646 -1.81 15.83 18.72
C VAL A 646 -2.25 16.96 19.64
N ARG A 647 -1.32 17.86 19.98
CA ARG A 647 -1.67 19.00 20.82
C ARG A 647 -2.78 19.82 20.19
N GLU A 648 -2.63 20.13 18.90
CA GLU A 648 -3.65 20.87 18.17
C GLU A 648 -5.01 20.19 18.27
N LEU A 649 -5.03 18.88 18.08
CA LEU A 649 -6.27 18.12 18.11
C LEU A 649 -6.89 18.08 19.52
N LEU A 650 -6.07 17.91 20.54
CA LEU A 650 -6.57 17.92 21.92
C LEU A 650 -7.21 19.26 22.27
N ILE A 651 -6.55 20.35 21.86
CA ILE A 651 -7.08 21.67 22.09
C ILE A 651 -8.43 21.86 21.39
N GLN A 652 -8.52 21.40 20.15
CA GLN A 652 -9.77 21.52 19.40
C GLN A 652 -10.87 20.62 19.98
N PHE A 653 -10.48 19.45 20.47
CA PHE A 653 -11.43 18.54 21.13
C PHE A 653 -12.05 19.24 22.32
N TYR A 654 -11.22 19.87 23.14
CA TYR A 654 -11.72 20.56 24.32
C TYR A 654 -12.58 21.75 23.94
N LYS A 655 -12.23 22.44 22.86
CA LYS A 655 -13.01 23.59 22.43
C LYS A 655 -14.40 23.12 21.95
N SER A 656 -14.42 22.00 21.24
CA SER A 656 -15.66 21.43 20.70
C SER A 656 -16.55 20.75 21.75
N THR A 657 -15.95 20.06 22.72
CA THR A 657 -16.72 19.26 23.67
C THR A 657 -16.74 19.79 25.10
N ARG A 658 -15.77 20.65 25.43
CA ARG A 658 -15.56 21.10 26.82
C ARG A 658 -15.24 19.94 27.77
N PHE A 659 -14.72 18.86 27.19
CA PHE A 659 -14.17 17.75 27.95
C PHE A 659 -12.70 17.59 27.63
N LYS A 660 -11.93 17.14 28.61
CA LYS A 660 -10.58 16.67 28.37
C LYS A 660 -10.63 15.15 28.32
N PRO A 661 -10.15 14.54 27.22
CA PRO A 661 -10.20 13.08 27.08
C PRO A 661 -9.54 12.38 28.26
N THR A 662 -10.16 11.32 28.76
CA THR A 662 -9.50 10.50 29.78
C THR A 662 -8.75 9.37 29.08
N ARG A 663 -9.02 9.19 27.80
CA ARG A 663 -8.38 8.15 27.00
C ARG A 663 -8.13 8.63 25.59
N ILE A 664 -7.02 8.19 25.01
CA ILE A 664 -6.68 8.50 23.64
C ILE A 664 -6.52 7.17 22.92
N ILE A 665 -7.31 6.95 21.87
CA ILE A 665 -7.24 5.71 21.10
C ILE A 665 -6.64 6.07 19.75
N PHE A 666 -5.44 5.56 19.47
CA PHE A 666 -4.64 6.02 18.34
C PHE A 666 -4.55 4.91 17.30
N TYR A 667 -5.29 5.04 16.19
CA TYR A 667 -5.21 4.05 15.11
C TYR A 667 -4.16 4.51 14.11
N ARG A 668 -3.08 3.74 14.01
CA ARG A 668 -1.91 4.13 13.23
C ARG A 668 -1.77 3.22 12.01
N ASP A 669 -2.02 3.80 10.83
CA ASP A 669 -2.07 3.00 9.61
C ASP A 669 -0.69 2.74 9.01
N GLY A 670 -0.48 1.50 8.57
CA GLY A 670 0.56 1.20 7.61
C GLY A 670 1.97 0.90 8.09
N VAL A 671 2.15 0.64 9.38
CA VAL A 671 3.48 0.35 9.92
C VAL A 671 3.73 -1.16 9.87
N SER A 672 4.84 -1.58 9.29
CA SER A 672 5.12 -3.02 9.20
C SER A 672 5.74 -3.51 10.50
N GLU A 673 5.70 -4.83 10.71
CA GLU A 673 6.19 -5.42 11.96
C GLU A 673 7.62 -5.01 12.28
N GLY A 674 8.46 -4.90 11.25
CA GLY A 674 9.86 -4.55 11.44
C GLY A 674 10.08 -3.10 11.86
N GLN A 675 9.01 -2.33 11.92
CA GLN A 675 9.09 -0.94 12.33
C GLN A 675 8.30 -0.64 13.59
N PHE A 676 7.66 -1.65 14.17
CA PHE A 676 6.80 -1.47 15.34
C PHE A 676 7.51 -0.72 16.48
N GLN A 677 8.69 -1.20 16.88
CA GLN A 677 9.37 -0.64 18.04
C GLN A 677 9.88 0.78 17.81
N GLN A 678 10.40 1.04 16.62
CA GLN A 678 10.92 2.35 16.27
C GLN A 678 9.78 3.38 16.22
N VAL A 679 8.67 3.01 15.60
CA VAL A 679 7.54 3.90 15.48
C VAL A 679 6.90 4.13 16.83
N LEU A 680 6.67 3.04 17.57
CA LEU A 680 6.06 3.15 18.88
C LEU A 680 6.88 4.05 19.80
N HIS A 681 8.19 3.85 19.79
CA HIS A 681 9.07 4.62 20.65
C HIS A 681 8.91 6.12 20.42
N HIS A 682 9.00 6.57 19.18
CA HIS A 682 8.84 7.99 18.89
C HIS A 682 7.40 8.46 19.10
N GLU A 683 6.43 7.69 18.59
CA GLU A 683 5.07 8.22 18.53
C GLU A 683 4.30 8.14 19.84
N LEU A 684 4.52 7.07 20.61
CA LEU A 684 3.90 7.01 21.93
C LEU A 684 4.42 8.14 22.80
N LEU A 685 5.74 8.36 22.78
CA LEU A 685 6.32 9.46 23.54
C LEU A 685 5.80 10.83 23.07
N ALA A 686 5.60 10.99 21.76
CA ALA A 686 5.07 12.25 21.22
C ALA A 686 3.66 12.52 21.71
N ILE A 687 2.83 11.47 21.79
CA ILE A 687 1.49 11.64 22.31
C ILE A 687 1.57 12.07 23.78
N ARG A 688 2.41 11.40 24.56
CA ARG A 688 2.60 11.77 25.95
C ARG A 688 3.08 13.20 26.08
N GLU A 689 4.04 13.58 25.24
CA GLU A 689 4.59 14.92 25.26
C GLU A 689 3.50 15.96 25.03
N ALA A 690 2.62 15.70 24.08
CA ALA A 690 1.52 16.62 23.80
C ALA A 690 0.67 16.83 25.06
N CYS A 691 0.38 15.75 25.76
CA CYS A 691 -0.41 15.84 26.96
C CYS A 691 0.28 16.64 28.06
N ILE A 692 1.55 16.33 28.25
CA ILE A 692 2.36 16.92 29.30
C ILE A 692 2.49 18.42 29.13
N LYS A 693 2.73 18.82 27.91
CA LYS A 693 2.86 20.21 27.56
C LYS A 693 1.55 20.96 27.68
N LEU A 694 0.43 20.29 27.51
CA LEU A 694 -0.84 20.92 27.74
C LEU A 694 -1.16 21.23 29.20
N GLU A 695 -0.91 20.25 30.06
CA GLU A 695 -1.23 20.35 31.44
C GLU A 695 -0.48 19.33 32.26
N LYS A 696 0.11 19.76 33.34
CA LYS A 696 -0.34 19.69 34.66
C LYS A 696 -0.76 18.27 35.07
N ASP A 697 0.11 17.27 34.93
CA ASP A 697 -0.25 15.90 35.30
C ASP A 697 -1.45 15.34 34.48
N TYR A 698 -1.60 15.79 33.25
CA TYR A 698 -2.68 15.30 32.44
C TYR A 698 -2.11 14.06 31.75
N GLN A 699 -2.60 12.89 32.15
CA GLN A 699 -2.04 11.64 31.69
C GLN A 699 -3.13 10.66 31.27
N PRO A 700 -3.83 10.96 30.17
CA PRO A 700 -4.91 10.07 29.74
C PRO A 700 -4.30 8.73 29.33
N GLY A 701 -5.05 7.65 29.47
CA GLY A 701 -4.57 6.35 29.05
C GLY A 701 -4.50 6.28 27.53
N ILE A 702 -3.39 5.79 27.00
CA ILE A 702 -3.21 5.67 25.55
C ILE A 702 -3.32 4.22 25.09
N THR A 703 -4.12 4.00 24.05
CA THR A 703 -4.13 2.72 23.34
C THR A 703 -3.61 2.95 21.93
N PHE A 704 -2.52 2.27 21.57
CA PHE A 704 -1.81 2.51 20.31
C PHE A 704 -1.99 1.25 19.47
N ILE A 705 -2.73 1.39 18.37
CA ILE A 705 -3.07 0.25 17.52
C ILE A 705 -2.59 0.46 16.08
N VAL A 706 -1.75 -0.44 15.60
CA VAL A 706 -1.34 -0.38 14.19
C VAL A 706 -2.37 -1.10 13.35
N VAL A 707 -2.84 -0.42 12.29
CA VAL A 707 -3.78 -1.00 11.33
C VAL A 707 -2.98 -1.28 10.07
N GLN A 708 -3.02 -2.53 9.59
CA GLN A 708 -2.35 -2.87 8.36
C GLN A 708 -3.37 -3.48 7.41
N LYS A 709 -3.63 -2.77 6.33
CA LYS A 709 -4.56 -3.26 5.32
C LYS A 709 -3.78 -4.10 4.32
N ARG A 710 -2.53 -3.71 4.08
CA ARG A 710 -1.69 -4.41 3.13
C ARG A 710 -0.71 -5.34 3.85
N HIS A 711 -1.01 -6.63 3.77
CA HIS A 711 -0.17 -7.68 4.28
C HIS A 711 -0.55 -8.86 3.40
N HIS A 712 -0.06 -10.05 3.72
CA HIS A 712 -0.26 -11.18 2.82
C HIS A 712 -1.16 -12.28 3.39
N THR A 713 -1.96 -11.93 4.38
CA THR A 713 -2.90 -12.88 4.96
C THR A 713 -4.24 -12.80 4.25
N ARG A 714 -4.74 -13.94 3.77
CA ARG A 714 -6.07 -13.99 3.18
C ARG A 714 -6.88 -15.06 3.90
N LEU A 715 -8.17 -14.77 4.09
CA LEU A 715 -9.09 -15.70 4.74
C LEU A 715 -10.19 -16.08 3.76
N PHE A 716 -10.58 -17.35 3.78
CA PHE A 716 -11.58 -17.88 2.86
C PHE A 716 -12.64 -18.67 3.62
N CYS A 717 -13.86 -18.66 3.12
CA CYS A 717 -14.92 -19.50 3.71
C CYS A 717 -14.61 -20.96 3.45
N THR A 718 -14.65 -21.77 4.50
CA THR A 718 -14.52 -23.21 4.34
C THR A 718 -15.76 -23.76 3.64
N ASP A 719 -16.92 -23.32 4.10
CA ASP A 719 -18.20 -23.80 3.56
C ASP A 719 -18.66 -22.91 2.43
N LYS A 720 -19.01 -23.51 1.30
CA LYS A 720 -19.47 -22.75 0.14
C LYS A 720 -20.69 -21.87 0.45
N ASN A 721 -21.59 -22.37 1.30
CA ASN A 721 -22.79 -21.60 1.63
C ASN A 721 -22.55 -20.33 2.48
N GLU A 722 -21.32 -20.13 2.92
CA GLU A 722 -20.96 -18.90 3.63
C GLU A 722 -20.44 -17.81 2.69
N ARG A 723 -20.02 -18.22 1.49
CA ARG A 723 -19.46 -17.27 0.54
C ARG A 723 -20.47 -16.20 0.16
N VAL A 724 -20.06 -14.94 0.23
CA VAL A 724 -20.99 -13.84 0.00
C VAL A 724 -20.82 -13.25 -1.39
N GLY A 725 -21.91 -13.22 -2.15
CA GLY A 725 -21.94 -12.56 -3.44
C GLY A 725 -21.10 -13.18 -4.53
N LYS A 726 -20.98 -12.46 -5.64
CA LYS A 726 -20.26 -12.94 -6.81
C LYS A 726 -18.79 -13.23 -6.51
N SER A 727 -18.19 -12.40 -5.66
CA SER A 727 -16.77 -12.52 -5.34
C SER A 727 -16.50 -13.64 -4.32
N GLY A 728 -17.55 -14.08 -3.63
CA GLY A 728 -17.47 -15.22 -2.76
C GLY A 728 -16.62 -15.03 -1.52
N ASN A 729 -16.59 -13.81 -1.00
CA ASN A 729 -15.78 -13.50 0.17
C ASN A 729 -16.44 -13.80 1.52
N ILE A 730 -15.61 -13.81 2.57
CA ILE A 730 -16.09 -13.84 3.94
C ILE A 730 -16.99 -12.64 4.20
N PRO A 731 -17.96 -12.78 5.12
CA PRO A 731 -18.90 -11.71 5.43
C PRO A 731 -18.27 -10.58 6.23
N ALA A 732 -18.78 -9.36 6.08
CA ALA A 732 -18.36 -8.23 6.90
C ALA A 732 -18.52 -8.60 8.38
N GLY A 733 -17.52 -8.25 9.16
CA GLY A 733 -17.53 -8.54 10.59
C GLY A 733 -16.73 -9.76 10.99
N THR A 734 -16.22 -10.50 10.00
CA THR A 734 -15.41 -11.69 10.29
C THR A 734 -14.12 -11.33 11.04
N THR A 735 -13.96 -11.94 12.22
CA THR A 735 -12.86 -11.59 13.13
C THR A 735 -12.09 -12.85 13.49
N VAL A 736 -10.75 -12.75 13.45
CA VAL A 736 -9.89 -13.88 13.81
C VAL A 736 -8.86 -13.43 14.83
N ASP A 737 -8.90 -14.01 16.03
CA ASP A 737 -7.85 -13.70 16.99
C ASP A 737 -7.21 -14.96 17.56
N THR A 738 -7.34 -16.07 16.86
CA THR A 738 -6.76 -17.33 17.31
C THR A 738 -5.95 -17.97 16.20
N LYS A 739 -5.11 -18.94 16.60
CA LYS A 739 -4.44 -19.86 15.68
C LYS A 739 -3.33 -19.23 14.84
N ILE A 740 -3.69 -18.28 13.98
CA ILE A 740 -2.74 -17.68 13.05
C ILE A 740 -2.19 -16.35 13.52
N THR A 741 -2.65 -15.89 14.68
CA THR A 741 -2.22 -14.59 15.20
C THR A 741 -0.99 -14.73 16.09
N HIS A 742 -0.57 -13.65 16.76
CA HIS A 742 0.70 -13.65 17.49
C HIS A 742 0.70 -14.58 18.72
N PRO A 743 1.81 -15.29 18.96
CA PRO A 743 1.84 -16.24 20.09
C PRO A 743 1.68 -15.59 21.48
N THR A 744 2.11 -14.34 21.65
CA THR A 744 2.00 -13.72 22.98
C THR A 744 1.30 -12.36 22.99
N GLU A 745 1.35 -11.65 21.87
CA GLU A 745 0.84 -10.27 21.81
C GLU A 745 -0.64 -10.16 21.43
N PHE A 746 -1.13 -8.91 21.44
CA PHE A 746 -2.55 -8.60 21.32
C PHE A 746 -2.82 -8.11 19.89
N ASP A 747 -3.19 -9.04 19.01
CA ASP A 747 -3.48 -8.72 17.62
C ASP A 747 -4.69 -9.50 17.10
N PHE A 748 -5.32 -8.97 16.06
CA PHE A 748 -6.46 -9.66 15.45
C PHE A 748 -6.67 -9.19 14.01
N TYR A 749 -7.25 -10.08 13.21
CA TYR A 749 -7.77 -9.69 11.91
C TYR A 749 -9.23 -9.36 12.05
N LEU A 750 -9.66 -8.30 11.36
CA LEU A 750 -11.09 -7.98 11.29
C LEU A 750 -11.40 -7.58 9.86
N CYS A 751 -12.17 -8.40 9.17
CA CYS A 751 -12.59 -8.01 7.84
C CYS A 751 -13.91 -7.30 8.01
N SER A 752 -13.87 -5.96 8.06
CA SER A 752 -15.03 -5.17 8.44
C SER A 752 -15.99 -4.87 7.28
N HIS A 753 -15.56 -5.14 6.05
CA HIS A 753 -16.28 -4.66 4.88
C HIS A 753 -16.84 -5.82 4.07
N ALA A 754 -17.88 -5.52 3.29
CA ALA A 754 -18.38 -6.47 2.31
C ALA A 754 -17.42 -6.50 1.12
N GLY A 755 -17.05 -7.71 0.68
CA GLY A 755 -16.19 -7.83 -0.48
C GLY A 755 -16.98 -7.73 -1.77
N ILE A 756 -16.66 -6.73 -2.59
CA ILE A 756 -17.36 -6.55 -3.86
C ILE A 756 -16.71 -7.38 -4.96
N GLN A 757 -15.39 -7.33 -5.05
CA GLN A 757 -14.67 -7.97 -6.14
C GLN A 757 -13.35 -8.53 -5.62
N GLY A 758 -12.83 -9.54 -6.31
CA GLY A 758 -11.55 -10.11 -5.94
C GLY A 758 -11.62 -10.78 -4.58
N THR A 759 -10.49 -10.80 -3.89
CA THR A 759 -10.43 -11.36 -2.54
C THR A 759 -10.24 -10.22 -1.54
N SER A 760 -11.12 -10.17 -0.54
CA SER A 760 -11.05 -9.12 0.47
C SER A 760 -9.72 -9.20 1.23
N ARG A 761 -9.14 -8.03 1.51
CA ARG A 761 -8.02 -7.94 2.44
C ARG A 761 -8.60 -7.76 3.81
N PRO A 762 -8.41 -8.75 4.70
CA PRO A 762 -8.86 -8.60 6.07
C PRO A 762 -7.88 -7.71 6.84
N SER A 763 -8.33 -6.54 7.28
CA SER A 763 -7.41 -5.66 7.98
C SER A 763 -6.86 -6.30 9.24
N HIS A 764 -5.60 -6.02 9.53
CA HIS A 764 -4.96 -6.54 10.73
C HIS A 764 -4.72 -5.41 11.72
N TYR A 765 -4.92 -5.73 13.00
CA TYR A 765 -4.79 -4.76 14.08
C TYR A 765 -3.82 -5.31 15.10
N HIS A 766 -2.79 -4.53 15.41
CA HIS A 766 -1.79 -4.97 16.39
C HIS A 766 -1.69 -3.92 17.48
N VAL A 767 -1.96 -4.30 18.71
CA VAL A 767 -1.94 -3.37 19.83
C VAL A 767 -0.53 -3.26 20.38
N LEU A 768 0.11 -2.14 20.12
CA LEU A 768 1.48 -1.93 20.55
C LEU A 768 1.56 -1.37 21.97
N TRP A 769 0.48 -0.76 22.43
CA TRP A 769 0.46 -0.16 23.77
C TRP A 769 -0.98 -0.04 24.22
N ASP A 770 -1.25 -0.33 25.49
CA ASP A 770 -2.62 -0.19 25.98
C ASP A 770 -2.72 0.10 27.48
N ASP A 771 -2.67 1.38 27.83
CA ASP A 771 -2.91 1.81 29.21
C ASP A 771 -4.32 1.49 29.67
N ASN A 772 -5.23 1.34 28.71
CA ASN A 772 -6.65 1.24 29.02
C ASN A 772 -7.14 -0.17 29.30
N ARG A 773 -6.26 -1.14 29.09
CA ARG A 773 -6.54 -2.54 29.40
C ARG A 773 -7.86 -3.01 28.81
N PHE A 774 -8.05 -2.79 27.51
CA PHE A 774 -9.20 -3.32 26.80
C PHE A 774 -9.21 -4.83 26.87
N SER A 775 -10.41 -5.40 26.94
CA SER A 775 -10.58 -6.81 26.61
C SER A 775 -10.52 -6.95 25.09
N SER A 776 -10.26 -8.16 24.62
CA SER A 776 -10.30 -8.44 23.18
C SER A 776 -11.65 -8.09 22.59
N ASP A 777 -12.72 -8.51 23.27
CA ASP A 777 -14.06 -8.25 22.78
C ASP A 777 -14.34 -6.77 22.63
N GLU A 778 -14.02 -6.00 23.67
CA GLU A 778 -14.34 -4.59 23.63
C GLU A 778 -13.57 -3.88 22.52
N LEU A 779 -12.29 -4.20 22.38
CA LEU A 779 -11.48 -3.52 21.36
C LEU A 779 -11.88 -3.94 19.95
N GLN A 780 -12.22 -5.22 19.79
CA GLN A 780 -12.65 -5.72 18.49
C GLN A 780 -13.98 -5.09 18.08
N ILE A 781 -14.94 -5.06 19.00
CA ILE A 781 -16.22 -4.44 18.73
C ILE A 781 -16.09 -2.92 18.51
N LEU A 782 -15.28 -2.28 19.33
CA LEU A 782 -15.01 -0.84 19.14
C LEU A 782 -14.52 -0.58 17.72
N THR A 783 -13.53 -1.37 17.31
CA THR A 783 -12.89 -1.20 16.02
C THR A 783 -13.91 -1.39 14.88
N TYR A 784 -14.73 -2.44 15.00
CA TYR A 784 -15.78 -2.69 14.01
C TYR A 784 -16.79 -1.54 13.98
N GLN A 785 -17.22 -1.07 15.14
CA GLN A 785 -18.19 0.03 15.16
C GLN A 785 -17.61 1.28 14.50
N LEU A 786 -16.33 1.54 14.71
CA LEU A 786 -15.70 2.71 14.06
C LEU A 786 -15.68 2.60 12.54
N CYS A 787 -15.74 1.38 12.01
CA CYS A 787 -15.81 1.20 10.56
C CYS A 787 -17.18 1.55 9.98
N HIS A 788 -18.16 1.79 10.85
CA HIS A 788 -19.51 2.16 10.45
C HIS A 788 -19.78 3.65 10.61
N THR A 789 -18.74 4.43 10.89
CA THR A 789 -18.93 5.87 11.17
C THR A 789 -18.38 6.74 10.05
N TYR A 790 -17.90 6.10 8.99
CA TYR A 790 -17.31 6.81 7.85
C TYR A 790 -18.40 7.49 7.03
N VAL A 791 -18.31 8.82 6.92
CA VAL A 791 -19.43 9.64 6.44
C VAL A 791 -19.73 9.57 4.94
N ARG A 792 -18.77 9.08 4.15
CA ARG A 792 -18.93 9.15 2.70
C ARG A 792 -19.79 8.06 2.08
N CYS A 793 -20.22 7.09 2.88
CA CYS A 793 -21.06 6.02 2.35
C CYS A 793 -21.82 5.32 3.47
N THR A 794 -22.96 4.74 3.13
CA THR A 794 -23.73 3.93 4.06
C THR A 794 -23.27 2.47 3.98
N ARG A 795 -22.00 2.26 4.30
CA ARG A 795 -21.39 0.95 4.30
C ARG A 795 -20.32 0.89 5.36
N SER A 796 -20.07 -0.31 5.88
CA SER A 796 -18.94 -0.52 6.76
C SER A 796 -17.69 -0.56 5.90
N VAL A 797 -16.73 0.33 6.18
CA VAL A 797 -15.52 0.37 5.35
C VAL A 797 -14.43 -0.53 5.93
N SER A 798 -13.35 -0.71 5.17
CA SER A 798 -12.34 -1.72 5.47
C SER A 798 -11.37 -1.38 6.62
N ILE A 799 -11.31 -0.10 7.02
CA ILE A 799 -10.51 0.35 8.16
C ILE A 799 -11.34 1.37 8.93
N PRO A 800 -11.00 1.62 10.22
CA PRO A 800 -11.86 2.55 10.98
C PRO A 800 -11.88 3.94 10.34
N ALA A 801 -12.99 4.63 10.50
CA ALA A 801 -13.13 5.96 9.90
C ALA A 801 -11.94 6.89 10.18
N PRO A 802 -11.45 6.96 11.43
CA PRO A 802 -10.31 7.86 11.65
C PRO A 802 -9.07 7.54 10.79
N ALA A 803 -8.73 6.26 10.62
CA ALA A 803 -7.61 5.90 9.77
C ALA A 803 -7.91 6.27 8.32
N TYR A 804 -9.14 5.99 7.88
CA TYR A 804 -9.55 6.33 6.52
C TYR A 804 -9.47 7.83 6.27
N TYR A 805 -9.94 8.66 7.20
CA TYR A 805 -9.83 10.12 7.04
C TYR A 805 -8.38 10.58 6.94
N ALA A 806 -7.50 9.95 7.70
CA ALA A 806 -6.09 10.33 7.64
C ALA A 806 -5.54 10.15 6.23
N HIS A 807 -5.91 9.05 5.57
CA HIS A 807 -5.57 8.88 4.16
C HIS A 807 -6.11 10.02 3.28
N LEU A 808 -7.38 10.38 3.46
CA LEU A 808 -7.98 11.42 2.64
C LEU A 808 -7.25 12.75 2.84
N VAL A 809 -6.84 13.01 4.08
CA VAL A 809 -6.10 14.23 4.41
C VAL A 809 -4.74 14.25 3.69
N ALA A 810 -4.01 13.14 3.77
CA ALA A 810 -2.71 13.04 3.11
C ALA A 810 -2.83 13.18 1.62
N PHE A 811 -3.86 12.55 1.03
CA PHE A 811 -4.06 12.67 -0.41
C PHE A 811 -4.44 14.10 -0.82
N ARG A 812 -5.23 14.77 0.00
CA ARG A 812 -5.54 16.18 -0.30
C ARG A 812 -4.27 17.07 -0.26
N ALA A 813 -3.41 16.84 0.73
CA ALA A 813 -2.14 17.55 0.79
C ALA A 813 -1.30 17.30 -0.48
N ARG A 814 -1.29 16.06 -0.94
CA ARG A 814 -0.58 15.74 -2.16
C ARG A 814 -1.15 16.56 -3.34
N TYR A 815 -2.48 16.70 -3.39
CA TYR A 815 -3.09 17.55 -4.39
C TYR A 815 -2.67 19.01 -4.26
N HIS A 816 -2.57 19.49 -3.01
CA HIS A 816 -2.13 20.86 -2.77
C HIS A 816 -0.68 21.07 -3.23
N LEU A 817 0.06 19.96 -3.36
CA LEU A 817 1.49 20.01 -3.72
C LEU A 817 1.83 19.70 -5.18
N VAL A 818 0.82 19.43 -6.02
CA VAL A 818 1.08 19.03 -7.41
C VAL A 818 1.97 20.04 -8.12
N ASP A 819 3.07 19.52 -8.69
CA ASP A 819 4.07 20.33 -9.39
C ASP A 819 4.82 21.32 -8.49
N LYS A 820 4.54 21.32 -7.19
CA LYS A 820 5.30 22.16 -6.27
C LYS A 820 6.42 21.38 -5.60
N GLU A 821 6.20 20.09 -5.42
CA GLU A 821 7.19 19.20 -4.82
C GLU A 821 8.19 18.76 -5.87
N GLY A 836 15.32 23.58 4.08
CA GLY A 836 14.91 24.60 5.02
C GLY A 836 13.96 25.62 4.40
N ARG A 837 14.47 26.38 3.44
CA ARG A 837 13.62 27.22 2.61
C ARG A 837 12.70 26.33 1.78
N ASP A 838 13.24 25.19 1.36
CA ASP A 838 12.46 24.21 0.61
C ASP A 838 11.31 23.69 1.47
N HIS A 839 11.65 23.24 2.67
CA HIS A 839 10.66 22.67 3.58
C HIS A 839 9.56 23.67 3.87
N GLN A 840 9.94 24.91 4.14
CA GLN A 840 8.97 25.95 4.47
C GLN A 840 7.97 26.18 3.33
N ALA A 841 8.45 26.13 2.09
CA ALA A 841 7.59 26.31 0.94
C ALA A 841 6.56 25.19 0.85
N LEU A 842 7.03 23.96 1.03
CA LEU A 842 6.12 22.81 0.97
C LEU A 842 5.15 22.85 2.14
N ALA A 843 5.65 23.22 3.32
CA ALA A 843 4.80 23.31 4.50
C ALA A 843 3.69 24.36 4.31
N LYS A 844 4.03 25.49 3.72
CA LYS A 844 3.01 26.50 3.42
C LYS A 844 1.94 25.97 2.48
N ALA A 845 2.34 25.18 1.50
CA ALA A 845 1.40 24.68 0.49
C ALA A 845 0.31 23.80 1.09
N VAL A 846 0.63 23.07 2.15
CA VAL A 846 -0.34 22.12 2.71
C VAL A 846 -1.12 22.69 3.89
N GLN A 847 -0.79 23.93 4.29
CA GLN A 847 -1.48 24.57 5.40
C GLN A 847 -2.82 25.14 4.93
N VAL A 848 -3.91 24.64 5.49
CA VAL A 848 -5.22 25.12 5.10
C VAL A 848 -5.49 26.48 5.73
N HIS A 849 -6.48 27.17 5.17
CA HIS A 849 -6.91 28.48 5.66
C HIS A 849 -7.45 28.37 7.08
N GLN A 850 -7.37 29.47 7.83
CA GLN A 850 -7.88 29.54 9.20
C GLN A 850 -9.34 29.06 9.30
N ASP A 851 -10.14 29.41 8.31
CA ASP A 851 -11.55 29.03 8.30
C ASP A 851 -11.76 27.57 7.90
N THR A 852 -10.73 26.95 7.34
CA THR A 852 -10.81 25.55 6.92
C THR A 852 -10.31 24.61 8.02
N LEU A 853 -9.50 25.16 8.93
CA LEU A 853 -8.85 24.38 9.99
C LEU A 853 -9.78 23.44 10.74
N ARG A 854 -10.98 23.90 11.03
CA ARG A 854 -11.90 23.14 11.89
C ARG A 854 -12.95 22.32 11.14
N THR A 855 -12.75 22.17 9.83
CA THR A 855 -13.76 21.58 8.96
C THR A 855 -13.33 20.21 8.47
N MET A 856 -14.27 19.50 7.86
CA MET A 856 -13.97 18.24 7.17
C MET A 856 -13.85 18.48 5.67
N TYR A 857 -12.95 19.39 5.32
CA TYR A 857 -12.68 19.78 3.94
C TYR A 857 -12.17 18.62 3.09
N PHE A 858 -11.66 17.58 3.75
CA PHE A 858 -11.07 16.43 3.09
C PHE A 858 -12.11 15.39 2.66
N ALA A 859 -13.36 15.62 3.03
CA ALA A 859 -14.40 14.62 2.77
C ALA A 859 -14.75 14.62 1.29
MG MG D . 0.60 5.08 4.95
C1 IPA E . 10.80 -13.47 -21.51
C2 IPA E . 11.40 -14.84 -21.23
C3 IPA E . 12.37 -14.73 -20.06
O2 IPA E . 10.37 -15.73 -20.90
C1 IPA F . -23.96 4.33 26.95
C2 IPA F . -22.95 3.70 25.98
C3 IPA F . -21.53 3.86 26.52
O2 IPA F . -23.26 2.33 25.82
C1 IPH G . 0.45 9.25 29.62
C2 IPH G . -0.05 10.41 29.03
C3 IPH G . 0.63 11.61 29.18
C4 IPH G . 1.81 11.65 29.90
C5 IPH G . 2.31 10.50 30.49
C6 IPH G . 1.64 9.30 30.35
O1 IPH G . -0.22 8.07 29.47
C1 IPH H . -6.52 20.83 27.37
C2 IPH H . -7.17 20.25 26.28
C3 IPH H . -7.34 18.87 26.24
C4 IPH H . -6.86 18.08 27.27
C5 IPH H . -6.20 18.66 28.36
C6 IPH H . -6.04 20.03 28.40
O1 IPH H . -6.35 22.18 27.43
C1 IPH I . -17.33 10.53 25.11
C2 IPH I . -17.87 11.35 26.10
C3 IPH I . -17.60 12.72 26.07
C4 IPH I . -16.81 13.27 25.07
C5 IPH I . -16.26 12.44 24.08
C6 IPH I . -16.52 11.07 24.11
O1 IPH I . -17.58 9.19 25.12
C1 IPH J . -14.91 23.29 3.83
C2 IPH J . -15.49 24.23 4.68
C3 IPH J . -14.90 25.47 4.87
C4 IPH J . -13.71 25.78 4.20
C5 IPH J . -13.13 24.84 3.36
C6 IPH J . -13.72 23.60 3.17
O1 IPH J . -15.50 22.08 3.65
P PO4 K . 35.09 -3.48 -22.05
O1 PO4 K . 36.13 -4.47 -22.46
O2 PO4 K . 33.73 -4.14 -22.20
O3 PO4 K . 35.17 -2.26 -22.92
O4 PO4 K . 35.22 -3.05 -20.62
MG MG L . 15.77 -0.72 3.25
MG MG M . -10.68 4.56 -9.36
#